data_1DCI
#
_entry.id   1DCI
#
_cell.length_a   131.543
_cell.length_b   131.543
_cell.length_c   96.731
_cell.angle_alpha   90.00
_cell.angle_beta   90.00
_cell.angle_gamma   120.00
#
_symmetry.space_group_name_H-M   'P 31 2 1'
#
loop_
_entity.id
_entity.type
_entity.pdbx_description
1 polymer 'DIENOYL-COA ISOMERASE'
2 non-polymer 'SULFATE ION'
3 non-polymer 'MAGNESIUM ION'
4 non-polymer 1,2-ETHANEDIOL
5 water water
#
_entity_poly.entity_id   1
_entity_poly.type   'polypeptide(L)'
_entity_poly.pdbx_seq_one_letter_code
;AYESIQVTSAQKHVLHVQLNRPEKRNAMNRAFWRELVECFQKISKDSDCRAVVVSGAGKMFTSGIDLMDMASDILQPPGD
DVARIAWYLRDLISRYQKTFTVIEKCPKPVIAAIHGGCIGGGVDLISACDIRYCTQDAFFQVKEVDVGLAADVGTLQRLP
KVIGNRSLVNELTFTARKMMADEALDSGLVSRVFPDKDVMLNAAFALAADISSKSPVAVQGSKINLIYSRDHSVDESLDY
MATWNMSMLQTQDIIKSVQAAMEKKDSKSITFSKL
;
_entity_poly.pdbx_strand_id   A,B,C
#
loop_
_chem_comp.id
_chem_comp.type
_chem_comp.name
_chem_comp.formula
EDO non-polymer 1,2-ETHANEDIOL 'C2 H6 O2'
MG non-polymer 'MAGNESIUM ION' 'Mg 2'
SO4 non-polymer 'SULFATE ION' 'O4 S -2'
#
# COMPACT_ATOMS: atom_id res chain seq x y z
N ALA A 1 24.50 -22.64 -22.63
CA ALA A 1 23.84 -23.07 -21.36
C ALA A 1 22.33 -23.10 -21.50
N TYR A 2 21.67 -21.95 -21.37
CA TYR A 2 20.21 -21.89 -21.40
C TYR A 2 19.63 -21.78 -22.79
N GLU A 3 18.42 -22.30 -22.98
CA GLU A 3 17.69 -22.22 -24.24
C GLU A 3 16.88 -20.94 -24.35
N SER A 4 16.34 -20.43 -23.23
CA SER A 4 15.39 -19.30 -23.36
C SER A 4 15.88 -17.98 -22.80
N ILE A 5 16.98 -18.00 -22.05
CA ILE A 5 17.57 -16.82 -21.43
C ILE A 5 19.08 -16.79 -21.66
N GLN A 6 19.70 -15.64 -21.45
CA GLN A 6 21.15 -15.49 -21.59
C GLN A 6 21.66 -14.67 -20.40
N VAL A 7 22.68 -15.17 -19.72
CA VAL A 7 23.22 -14.48 -18.55
C VAL A 7 24.65 -14.03 -18.80
N THR A 8 24.91 -12.75 -18.64
CA THR A 8 26.26 -12.22 -18.89
C THR A 8 26.72 -11.39 -17.70
N SER A 9 28.03 -11.26 -17.54
CA SER A 9 28.55 -10.40 -16.47
C SER A 9 28.67 -9.03 -17.10
N ALA A 10 27.82 -8.09 -16.69
CA ALA A 10 27.83 -6.78 -17.33
C ALA A 10 29.12 -6.04 -16.98
N GLN A 11 29.33 -5.91 -15.68
CA GLN A 11 30.46 -5.24 -15.08
C GLN A 11 30.66 -5.86 -13.69
N LYS A 12 31.69 -5.42 -12.97
CA LYS A 12 31.97 -5.98 -11.67
C LYS A 12 30.73 -6.06 -10.78
N HIS A 13 30.45 -7.27 -10.31
CA HIS A 13 29.37 -7.56 -9.38
C HIS A 13 27.97 -7.57 -9.97
N VAL A 14 27.80 -7.18 -11.21
CA VAL A 14 26.49 -7.08 -11.84
C VAL A 14 26.28 -8.18 -12.87
N LEU A 15 25.15 -8.87 -12.75
CA LEU A 15 24.78 -9.88 -13.75
C LEU A 15 23.60 -9.35 -14.56
N HIS A 16 23.60 -9.63 -15.85
CA HIS A 16 22.54 -9.25 -16.76
C HIS A 16 21.83 -10.53 -17.19
N VAL A 17 20.56 -10.62 -16.84
CA VAL A 17 19.72 -11.76 -17.20
C VAL A 17 18.81 -11.30 -18.33
N GLN A 18 19.03 -11.80 -19.55
CA GLN A 18 18.29 -11.32 -20.70
C GLN A 18 17.33 -12.37 -21.23
N LEU A 19 16.05 -12.03 -21.36
CA LEU A 19 15.11 -12.99 -21.96
C LEU A 19 15.57 -13.14 -23.41
N ASN A 20 15.77 -14.37 -23.91
CA ASN A 20 16.52 -14.45 -25.17
C ASN A 20 15.91 -15.38 -26.19
N ARG A 21 14.71 -15.02 -26.65
CA ARG A 21 14.04 -15.71 -27.77
C ARG A 21 13.40 -14.60 -28.61
N PRO A 22 14.21 -13.70 -29.15
CA PRO A 22 13.77 -12.51 -29.85
C PRO A 22 12.93 -12.74 -31.09
N GLU A 23 13.17 -13.86 -31.75
CA GLU A 23 12.35 -14.24 -32.91
C GLU A 23 10.94 -14.66 -32.51
N LYS A 24 10.72 -14.98 -31.23
CA LYS A 24 9.45 -15.39 -30.70
C LYS A 24 8.92 -14.36 -29.68
N ARG A 25 9.50 -13.17 -29.73
CA ARG A 25 9.14 -12.05 -28.86
C ARG A 25 9.32 -12.41 -27.38
N ASN A 26 10.33 -13.23 -27.09
CA ASN A 26 10.62 -13.68 -25.74
C ASN A 26 9.45 -14.35 -25.06
N ALA A 27 8.67 -15.13 -25.83
CA ALA A 27 7.54 -15.86 -25.25
C ALA A 27 8.09 -16.82 -24.21
N MET A 28 7.33 -17.03 -23.14
CA MET A 28 7.71 -17.88 -22.04
C MET A 28 7.25 -19.31 -22.26
N ASN A 29 8.15 -20.07 -22.90
CA ASN A 29 7.84 -21.47 -23.20
C ASN A 29 8.27 -22.36 -22.07
N ARG A 30 8.09 -23.68 -22.19
CA ARG A 30 8.33 -24.59 -21.10
C ARG A 30 9.71 -24.47 -20.47
N ALA A 31 10.73 -24.36 -21.31
CA ALA A 31 12.09 -24.24 -20.78
C ALA A 31 12.31 -23.00 -19.92
N PHE A 32 11.74 -21.89 -20.36
CA PHE A 32 11.86 -20.64 -19.58
C PHE A 32 11.44 -20.83 -18.13
N TRP A 33 10.34 -21.48 -17.82
CA TRP A 33 9.90 -21.65 -16.43
C TRP A 33 10.85 -22.40 -15.56
N ARG A 34 11.56 -23.40 -16.10
CA ARG A 34 12.61 -24.11 -15.43
C ARG A 34 13.90 -23.27 -15.33
N GLU A 35 14.31 -22.69 -16.45
CA GLU A 35 15.57 -21.96 -16.51
C GLU A 35 15.65 -20.75 -15.61
N LEU A 36 14.57 -19.98 -15.47
CA LEU A 36 14.69 -18.81 -14.59
C LEU A 36 14.91 -19.26 -13.18
N VAL A 37 14.30 -20.34 -12.73
CA VAL A 37 14.49 -20.89 -11.39
C VAL A 37 15.96 -21.30 -11.25
N GLU A 38 16.48 -22.09 -12.18
CA GLU A 38 17.89 -22.46 -12.10
C GLU A 38 18.79 -21.24 -12.01
N CYS A 39 18.52 -20.24 -12.85
CA CYS A 39 19.34 -19.03 -12.90
C CYS A 39 19.39 -18.25 -11.59
N PHE A 40 18.21 -17.85 -11.11
CA PHE A 40 18.21 -17.06 -9.86
C PHE A 40 18.63 -17.86 -8.65
N GLN A 41 18.47 -19.18 -8.61
CA GLN A 41 18.98 -19.97 -7.50
C GLN A 41 20.51 -19.91 -7.52
N LYS A 42 21.11 -19.98 -8.70
CA LYS A 42 22.57 -19.85 -8.78
C LYS A 42 22.99 -18.42 -8.42
N ILE A 43 22.29 -17.39 -8.90
CA ILE A 43 22.65 -16.01 -8.55
C ILE A 43 22.53 -15.81 -7.05
N SER A 44 21.51 -16.38 -6.40
CA SER A 44 21.36 -16.22 -4.95
C SER A 44 22.56 -16.73 -4.17
N LYS A 45 23.22 -17.78 -4.63
CA LYS A 45 24.40 -18.29 -3.96
C LYS A 45 25.69 -17.71 -4.54
N ASP A 46 25.66 -16.84 -5.54
CA ASP A 46 26.87 -16.30 -6.14
C ASP A 46 27.40 -15.16 -5.28
N SER A 47 28.53 -15.42 -4.61
CA SER A 47 29.09 -14.45 -3.69
C SER A 47 29.70 -13.25 -4.33
N ASP A 48 29.88 -13.23 -5.64
CA ASP A 48 30.43 -12.07 -6.32
C ASP A 48 29.33 -11.18 -6.87
N CYS A 49 28.10 -11.67 -7.02
CA CYS A 49 27.04 -10.82 -7.57
C CYS A 49 26.38 -9.98 -6.50
N ARG A 50 26.15 -8.70 -6.75
CA ARG A 50 25.49 -7.82 -5.79
C ARG A 50 24.23 -7.18 -6.34
N ALA A 51 23.99 -7.26 -7.64
CA ALA A 51 22.80 -6.66 -8.26
C ALA A 51 22.60 -7.30 -9.63
N VAL A 52 21.34 -7.35 -10.05
CA VAL A 52 20.96 -7.98 -11.30
C VAL A 52 20.09 -7.06 -12.14
N VAL A 53 20.30 -7.07 -13.45
CA VAL A 53 19.48 -6.34 -14.39
C VAL A 53 18.80 -7.37 -15.30
N VAL A 54 17.49 -7.24 -15.45
CA VAL A 54 16.74 -8.12 -16.32
C VAL A 54 16.20 -7.32 -17.50
N SER A 55 16.43 -7.79 -18.73
CA SER A 55 15.90 -7.11 -19.91
C SER A 55 15.53 -8.18 -20.95
N GLY A 56 15.00 -7.75 -22.07
CA GLY A 56 14.64 -8.70 -23.13
C GLY A 56 15.33 -8.33 -24.44
N ALA A 57 15.70 -9.36 -25.18
CA ALA A 57 16.37 -9.15 -26.47
C ALA A 57 15.34 -8.87 -27.56
N GLY A 58 15.72 -8.20 -28.65
CA GLY A 58 14.78 -7.95 -29.72
C GLY A 58 13.80 -6.80 -29.51
N LYS A 59 12.64 -6.89 -30.14
CA LYS A 59 11.64 -5.86 -30.20
C LYS A 59 10.94 -5.50 -28.91
N MET A 60 10.74 -6.46 -28.03
CA MET A 60 9.91 -6.21 -26.84
C MET A 60 10.40 -7.04 -25.65
N PHE A 61 10.08 -6.56 -24.45
CA PHE A 61 10.43 -7.30 -23.24
C PHE A 61 9.86 -8.72 -23.31
N THR A 62 8.53 -8.87 -23.40
CA THR A 62 7.98 -10.20 -23.56
C THR A 62 6.52 -10.18 -23.98
N SER A 63 6.20 -11.12 -24.88
CA SER A 63 4.81 -11.30 -25.31
C SER A 63 4.05 -12.14 -24.29
N GLY A 64 4.73 -12.71 -23.32
CA GLY A 64 4.14 -13.52 -22.29
C GLY A 64 4.15 -15.01 -22.55
N ILE A 65 3.26 -15.74 -21.89
CA ILE A 65 3.29 -17.20 -21.96
C ILE A 65 3.07 -17.73 -23.36
N ASP A 66 3.80 -18.80 -23.67
CA ASP A 66 3.57 -19.56 -24.91
C ASP A 66 2.25 -20.32 -24.73
N LEU A 67 1.24 -19.92 -25.47
CA LEU A 67 -0.10 -20.50 -25.36
C LEU A 67 -0.19 -21.96 -25.77
N MET A 68 0.62 -22.37 -26.72
CA MET A 68 0.60 -23.76 -27.19
C MET A 68 1.16 -24.66 -26.12
N ASP A 69 2.30 -24.20 -25.52
CA ASP A 69 2.85 -25.02 -24.44
C ASP A 69 1.87 -25.03 -23.24
N MET A 70 1.25 -23.87 -23.01
CA MET A 70 0.32 -23.79 -21.88
C MET A 70 -0.84 -24.77 -22.09
N ALA A 71 -1.42 -24.78 -23.28
CA ALA A 71 -2.51 -25.71 -23.56
C ALA A 71 -2.05 -27.15 -23.39
N SER A 72 -0.87 -27.50 -23.92
CA SER A 72 -0.37 -28.86 -23.69
C SER A 72 -0.28 -29.16 -22.20
N ASP A 73 0.26 -28.22 -21.43
CA ASP A 73 0.44 -28.47 -20.00
C ASP A 73 -0.90 -28.45 -19.24
N ILE A 74 -1.82 -27.62 -19.64
CA ILE A 74 -3.06 -27.29 -18.96
C ILE A 74 -4.34 -27.74 -19.61
N LEU A 75 -4.46 -27.82 -20.94
CA LEU A 75 -5.65 -28.31 -21.60
C LEU A 75 -5.52 -29.79 -21.98
N GLN A 76 -4.37 -30.40 -21.71
CA GLN A 76 -4.08 -31.79 -21.92
C GLN A 76 -3.38 -32.44 -20.73
N PRO A 77 -3.98 -32.39 -19.54
CA PRO A 77 -3.35 -32.88 -18.34
C PRO A 77 -3.52 -34.37 -18.12
N PRO A 78 -2.56 -34.98 -17.43
CA PRO A 78 -2.67 -36.37 -17.01
C PRO A 78 -3.76 -36.36 -15.92
N GLY A 79 -4.23 -37.50 -15.43
CA GLY A 79 -5.23 -37.52 -14.36
C GLY A 79 -6.51 -38.20 -14.89
N ASP A 80 -6.99 -39.28 -14.28
CA ASP A 80 -8.18 -39.96 -14.81
C ASP A 80 -9.49 -39.50 -14.23
N ASP A 81 -9.44 -38.46 -13.42
CA ASP A 81 -10.60 -37.84 -12.80
C ASP A 81 -10.16 -36.43 -12.41
N VAL A 82 -11.14 -35.57 -12.21
CA VAL A 82 -10.92 -34.16 -11.91
C VAL A 82 -10.05 -33.95 -10.72
N ALA A 83 -10.19 -34.73 -9.64
CA ALA A 83 -9.31 -34.54 -8.47
C ALA A 83 -7.86 -34.79 -8.84
N ARG A 84 -7.60 -35.83 -9.65
CA ARG A 84 -6.24 -36.22 -10.00
C ARG A 84 -5.67 -35.22 -10.99
N ILE A 85 -6.49 -34.63 -11.85
CA ILE A 85 -6.11 -33.55 -12.73
C ILE A 85 -5.71 -32.35 -11.84
N ALA A 86 -6.55 -32.04 -10.84
CA ALA A 86 -6.23 -30.90 -9.96
C ALA A 86 -4.92 -31.15 -9.22
N TRP A 87 -4.70 -32.36 -8.74
CA TRP A 87 -3.44 -32.66 -8.04
C TRP A 87 -2.24 -32.28 -8.91
N TYR A 88 -2.29 -32.67 -10.18
CA TYR A 88 -1.25 -32.30 -11.14
C TYR A 88 -1.19 -30.81 -11.40
N LEU A 89 -2.32 -30.10 -11.54
CA LEU A 89 -2.32 -28.69 -11.86
C LEU A 89 -1.83 -27.87 -10.66
N ARG A 90 -2.13 -28.37 -9.45
CA ARG A 90 -1.63 -27.62 -8.27
C ARG A 90 -0.11 -27.53 -8.29
N ASP A 91 0.50 -28.67 -8.64
CA ASP A 91 1.97 -28.74 -8.70
C ASP A 91 2.49 -27.91 -9.86
N LEU A 92 1.84 -27.93 -11.01
CA LEU A 92 2.22 -27.14 -12.17
C LEU A 92 2.21 -25.66 -11.83
N ILE A 93 1.09 -25.18 -11.24
CA ILE A 93 0.98 -23.78 -10.88
C ILE A 93 2.07 -23.41 -9.85
N SER A 94 2.27 -24.29 -8.89
CA SER A 94 3.30 -24.04 -7.87
C SER A 94 4.69 -23.90 -8.47
N ARG A 95 4.99 -24.78 -9.43
CA ARG A 95 6.31 -24.69 -10.08
C ARG A 95 6.44 -23.42 -10.90
N TYR A 96 5.39 -22.96 -11.57
CA TYR A 96 5.48 -21.77 -12.43
C TYR A 96 5.57 -20.51 -11.58
N GLN A 97 4.90 -20.56 -10.42
CA GLN A 97 5.04 -19.44 -9.47
C GLN A 97 6.50 -19.32 -9.03
N LYS A 98 7.17 -20.46 -8.81
CA LYS A 98 8.58 -20.42 -8.38
C LYS A 98 9.43 -19.68 -9.38
N THR A 99 9.15 -19.69 -10.67
CA THR A 99 9.89 -18.97 -11.68
C THR A 99 10.10 -17.52 -11.28
N PHE A 100 9.07 -16.87 -10.70
CA PHE A 100 9.21 -15.48 -10.31
C PHE A 100 9.48 -15.26 -8.84
N THR A 101 9.09 -16.21 -8.01
CA THR A 101 9.38 -16.13 -6.57
C THR A 101 10.87 -16.19 -6.31
N VAL A 102 11.64 -16.92 -7.12
CA VAL A 102 13.10 -16.93 -6.92
C VAL A 102 13.68 -15.54 -7.11
N ILE A 103 13.06 -14.61 -7.82
CA ILE A 103 13.59 -13.27 -7.98
C ILE A 103 13.45 -12.52 -6.65
N GLU A 104 12.28 -12.72 -6.00
CA GLU A 104 12.07 -12.08 -4.69
C GLU A 104 12.95 -12.70 -3.62
N LYS A 105 13.19 -14.02 -3.61
CA LYS A 105 13.96 -14.71 -2.61
C LYS A 105 15.45 -14.56 -2.85
N CYS A 106 15.84 -14.02 -3.98
CA CYS A 106 17.25 -13.70 -4.27
C CYS A 106 17.56 -12.43 -3.46
N PRO A 107 18.55 -12.50 -2.59
CA PRO A 107 18.86 -11.36 -1.73
C PRO A 107 19.43 -10.16 -2.45
N LYS A 108 19.93 -10.33 -3.66
CA LYS A 108 20.44 -9.21 -4.43
C LYS A 108 19.31 -8.44 -5.07
N PRO A 109 19.37 -7.12 -5.12
CA PRO A 109 18.40 -6.29 -5.80
C PRO A 109 18.35 -6.61 -7.28
N VAL A 110 17.15 -6.68 -7.83
CA VAL A 110 16.92 -7.06 -9.22
C VAL A 110 16.15 -5.94 -9.90
N ILE A 111 16.72 -5.36 -10.95
CA ILE A 111 16.22 -4.22 -11.67
C ILE A 111 15.63 -4.67 -13.01
N ALA A 112 14.36 -4.44 -13.25
CA ALA A 112 13.73 -4.76 -14.52
C ALA A 112 13.83 -3.54 -15.43
N ALA A 113 14.32 -3.75 -16.64
CA ALA A 113 14.49 -2.69 -17.62
C ALA A 113 13.67 -3.12 -18.85
N ILE A 114 12.49 -2.52 -18.94
CA ILE A 114 11.47 -2.87 -19.90
C ILE A 114 11.45 -1.95 -21.11
N HIS A 115 11.42 -2.58 -22.30
CA HIS A 115 11.12 -1.83 -23.51
C HIS A 115 9.98 -2.51 -24.28
N GLY A 116 9.24 -1.73 -25.05
CA GLY A 116 8.12 -2.30 -25.80
C GLY A 116 7.14 -3.01 -24.86
N GLY A 117 6.39 -3.95 -25.41
CA GLY A 117 5.39 -4.67 -24.63
C GLY A 117 5.93 -5.57 -23.53
N CYS A 118 5.24 -5.50 -22.39
CA CYS A 118 5.46 -6.38 -21.25
C CYS A 118 4.09 -6.99 -20.89
N ILE A 119 3.80 -8.11 -21.52
CA ILE A 119 2.46 -8.69 -21.49
C ILE A 119 2.34 -9.96 -20.67
N GLY A 120 1.27 -10.01 -19.87
CA GLY A 120 0.84 -11.20 -19.15
C GLY A 120 1.87 -11.66 -18.15
N GLY A 121 2.59 -12.74 -18.46
CA GLY A 121 3.70 -13.25 -17.68
C GLY A 121 4.78 -12.21 -17.44
N GLY A 122 4.90 -11.25 -18.36
CA GLY A 122 5.88 -10.18 -18.12
C GLY A 122 5.50 -9.34 -16.89
N VAL A 123 4.22 -9.13 -16.61
CA VAL A 123 3.88 -8.31 -15.41
C VAL A 123 4.13 -9.13 -14.17
N ASP A 124 3.91 -10.45 -14.22
CA ASP A 124 4.20 -11.32 -13.10
C ASP A 124 5.69 -11.26 -12.79
N LEU A 125 6.51 -11.25 -13.85
CA LEU A 125 7.96 -11.19 -13.67
C LEU A 125 8.38 -9.85 -13.06
N ILE A 126 7.97 -8.75 -13.70
CA ILE A 126 8.48 -7.45 -13.19
C ILE A 126 7.94 -7.11 -11.82
N SER A 127 6.74 -7.59 -11.45
CA SER A 127 6.26 -7.29 -10.11
C SER A 127 6.97 -8.10 -9.04
N ALA A 128 7.84 -9.07 -9.36
CA ALA A 128 8.68 -9.79 -8.43
C ALA A 128 10.11 -9.17 -8.36
N CYS A 129 10.38 -8.26 -9.28
CA CYS A 129 11.68 -7.57 -9.25
C CYS A 129 11.54 -6.43 -8.25
N ASP A 130 12.69 -5.80 -7.94
CA ASP A 130 12.65 -4.72 -6.94
C ASP A 130 12.45 -3.35 -7.52
N ILE A 131 13.12 -3.00 -8.61
CA ILE A 131 13.11 -1.68 -9.20
C ILE A 131 12.76 -1.85 -10.67
N ARG A 132 11.87 -0.98 -11.17
CA ARG A 132 11.40 -1.13 -12.55
C ARG A 132 11.62 0.14 -13.35
N TYR A 133 12.31 0.06 -14.48
CA TYR A 133 12.55 1.18 -15.37
C TYR A 133 11.94 0.82 -16.75
N CYS A 134 11.48 1.81 -17.50
CA CYS A 134 11.00 1.44 -18.84
C CYS A 134 11.34 2.54 -19.85
N THR A 135 11.03 2.21 -21.09
CA THR A 135 11.21 3.16 -22.18
C THR A 135 9.90 3.87 -22.47
N GLN A 136 9.98 4.96 -23.26
CA GLN A 136 8.79 5.73 -23.61
C GLN A 136 7.76 4.94 -24.40
N ASP A 137 8.18 3.92 -25.15
CA ASP A 137 7.32 3.07 -25.95
C ASP A 137 6.84 1.81 -25.23
N ALA A 138 7.22 1.62 -23.97
CA ALA A 138 6.81 0.43 -23.26
C ALA A 138 5.32 0.43 -22.92
N PHE A 139 4.80 -0.78 -22.74
CA PHE A 139 3.43 -0.91 -22.26
C PHE A 139 3.31 -2.20 -21.48
N PHE A 140 2.33 -2.19 -20.57
CA PHE A 140 2.16 -3.25 -19.57
C PHE A 140 0.71 -3.74 -19.66
N GLN A 141 0.53 -5.06 -19.55
CA GLN A 141 -0.83 -5.57 -19.68
C GLN A 141 -1.00 -6.82 -18.84
N VAL A 142 -2.01 -6.77 -17.97
CA VAL A 142 -2.37 -7.93 -17.14
C VAL A 142 -3.33 -8.73 -18.01
N LYS A 143 -2.72 -9.49 -18.95
CA LYS A 143 -3.49 -10.13 -20.00
C LYS A 143 -4.26 -11.37 -19.66
N GLU A 144 -3.98 -12.01 -18.53
CA GLU A 144 -4.59 -13.29 -18.21
C GLU A 144 -6.07 -13.41 -18.35
N VAL A 145 -6.92 -12.44 -17.98
CA VAL A 145 -8.36 -12.64 -18.13
C VAL A 145 -8.72 -12.88 -19.60
N ASP A 146 -7.98 -12.30 -20.54
CA ASP A 146 -8.25 -12.50 -21.97
C ASP A 146 -7.90 -13.92 -22.41
N VAL A 147 -7.20 -14.71 -21.63
CA VAL A 147 -6.88 -16.10 -21.92
C VAL A 147 -7.86 -17.03 -21.24
N GLY A 148 -8.72 -16.49 -20.35
CA GLY A 148 -9.70 -17.28 -19.64
C GLY A 148 -9.31 -17.73 -18.25
N LEU A 149 -8.26 -17.08 -17.68
CA LEU A 149 -7.84 -17.48 -16.34
C LEU A 149 -7.47 -16.25 -15.48
N ALA A 150 -7.59 -16.44 -14.17
CA ALA A 150 -7.06 -15.42 -13.25
C ALA A 150 -5.55 -15.65 -13.16
N ALA A 151 -4.78 -14.59 -13.33
CA ALA A 151 -3.33 -14.70 -13.27
C ALA A 151 -2.87 -15.41 -12.02
N ASP A 152 -1.98 -16.40 -12.16
CA ASP A 152 -1.65 -17.21 -11.00
C ASP A 152 -0.16 -17.29 -10.72
N VAL A 153 0.69 -16.60 -11.51
CA VAL A 153 2.13 -16.71 -11.23
C VAL A 153 2.74 -15.47 -10.59
N GLY A 154 1.88 -14.63 -9.98
CA GLY A 154 2.40 -13.56 -9.15
C GLY A 154 1.77 -12.23 -9.25
N THR A 155 1.28 -11.83 -10.42
CA THR A 155 0.72 -10.49 -10.56
C THR A 155 -0.32 -10.14 -9.50
N LEU A 156 -1.30 -11.04 -9.26
CA LEU A 156 -2.36 -10.64 -8.33
C LEU A 156 -1.80 -10.51 -6.91
N GLN A 157 -0.74 -11.25 -6.58
CA GLN A 157 -0.19 -11.27 -5.23
C GLN A 157 0.78 -10.13 -5.02
N ARG A 158 1.49 -9.71 -6.08
CA ARG A 158 2.50 -8.67 -5.92
C ARG A 158 2.20 -7.32 -6.54
N LEU A 159 1.49 -7.24 -7.67
CA LEU A 159 1.20 -5.95 -8.28
C LEU A 159 0.50 -4.95 -7.37
N PRO A 160 -0.51 -5.36 -6.60
CA PRO A 160 -1.18 -4.47 -5.65
C PRO A 160 -0.29 -4.10 -4.47
N LYS A 161 0.86 -4.77 -4.34
CA LYS A 161 1.81 -4.47 -3.29
C LYS A 161 3.03 -3.75 -3.83
N VAL A 162 2.97 -3.22 -5.05
CA VAL A 162 4.08 -2.43 -5.57
C VAL A 162 3.59 -1.06 -5.98
N ILE A 163 2.27 -0.83 -6.09
CA ILE A 163 1.72 0.47 -6.41
C ILE A 163 0.51 0.71 -5.48
N GLY A 164 0.19 1.99 -5.30
CA GLY A 164 -0.86 2.35 -4.37
C GLY A 164 -2.30 2.36 -4.85
N ASN A 165 -2.53 2.64 -6.11
CA ASN A 165 -3.87 2.86 -6.65
C ASN A 165 -4.58 1.55 -6.93
N ARG A 166 -5.46 1.14 -6.04
CA ARG A 166 -6.13 -0.16 -6.20
C ARG A 166 -7.26 -0.07 -7.23
N SER A 167 -7.85 1.11 -7.43
CA SER A 167 -8.89 1.20 -8.48
C SER A 167 -8.24 0.88 -9.83
N LEU A 168 -7.05 1.45 -10.09
CA LEU A 168 -6.31 1.15 -11.31
C LEU A 168 -5.90 -0.33 -11.39
N VAL A 169 -5.37 -0.90 -10.31
CA VAL A 169 -5.02 -2.32 -10.31
C VAL A 169 -6.21 -3.18 -10.74
N ASN A 170 -7.38 -2.91 -10.16
CA ASN A 170 -8.59 -3.66 -10.47
C ASN A 170 -9.02 -3.41 -11.90
N GLU A 171 -8.94 -2.19 -12.40
CA GLU A 171 -9.36 -1.97 -13.79
C GLU A 171 -8.42 -2.69 -14.76
N LEU A 172 -7.13 -2.64 -14.48
CA LEU A 172 -6.14 -3.29 -15.35
C LEU A 172 -6.39 -4.79 -15.38
N THR A 173 -6.64 -5.36 -14.21
CA THR A 173 -6.85 -6.80 -14.10
C THR A 173 -8.13 -7.28 -14.74
N PHE A 174 -9.25 -6.59 -14.49
CA PHE A 174 -10.54 -7.08 -15.00
C PHE A 174 -10.72 -6.80 -16.48
N THR A 175 -10.05 -5.81 -17.04
CA THR A 175 -10.23 -5.51 -18.47
C THR A 175 -9.08 -5.98 -19.33
N ALA A 176 -7.93 -6.30 -18.72
CA ALA A 176 -6.74 -6.64 -19.50
C ALA A 176 -6.29 -5.55 -20.45
N ARG A 177 -6.56 -4.28 -20.18
CA ARG A 177 -6.18 -3.21 -21.06
C ARG A 177 -4.70 -2.88 -20.90
N LYS A 178 -4.15 -2.26 -21.95
CA LYS A 178 -2.76 -1.85 -21.94
C LYS A 178 -2.57 -0.59 -21.13
N MET A 179 -1.46 -0.54 -20.40
CA MET A 179 -1.08 0.66 -19.67
C MET A 179 0.24 1.13 -20.29
N MET A 180 0.25 2.32 -20.88
CA MET A 180 1.45 2.84 -21.54
C MET A 180 2.43 3.47 -20.56
N ALA A 181 3.63 3.82 -21.02
CA ALA A 181 4.70 4.32 -20.17
C ALA A 181 4.33 5.53 -19.33
N ASP A 182 3.68 6.57 -19.89
CA ASP A 182 3.37 7.73 -19.08
C ASP A 182 2.50 7.36 -17.88
N GLU A 183 1.49 6.53 -18.11
CA GLU A 183 0.63 6.10 -17.01
C GLU A 183 1.34 5.15 -16.06
N ALA A 184 2.26 4.34 -16.58
CA ALA A 184 3.03 3.44 -15.72
C ALA A 184 3.88 4.25 -14.75
N LEU A 185 4.45 5.35 -15.23
CA LEU A 185 5.27 6.20 -14.38
C LEU A 185 4.39 6.92 -13.36
N ASP A 186 3.25 7.42 -13.83
CA ASP A 186 2.31 8.12 -12.94
C ASP A 186 1.83 7.24 -11.79
N SER A 187 1.60 5.96 -12.10
CA SER A 187 1.09 5.02 -11.11
C SER A 187 2.15 4.56 -10.13
N GLY A 188 3.42 4.75 -10.50
CA GLY A 188 4.54 4.29 -9.72
C GLY A 188 4.98 2.89 -10.07
N LEU A 189 4.36 2.25 -11.08
CA LEU A 189 4.79 0.90 -11.45
C LEU A 189 6.26 0.92 -11.84
N VAL A 190 6.63 1.92 -12.63
CA VAL A 190 8.02 2.16 -12.99
C VAL A 190 8.45 3.44 -12.28
N SER A 191 9.72 3.53 -11.91
CA SER A 191 10.10 4.78 -11.21
C SER A 191 10.88 5.69 -12.11
N ARG A 192 11.26 5.27 -13.31
CA ARG A 192 11.92 6.12 -14.28
C ARG A 192 11.56 5.65 -15.70
N VAL A 193 11.38 6.62 -16.59
CA VAL A 193 11.09 6.38 -18.00
C VAL A 193 12.20 7.05 -18.83
N PHE A 194 12.64 6.36 -19.89
CA PHE A 194 13.73 6.80 -20.75
C PHE A 194 13.32 6.81 -22.20
N PRO A 195 13.92 7.68 -23.02
CA PRO A 195 13.60 7.80 -24.43
C PRO A 195 13.86 6.55 -25.25
N ASP A 196 14.89 5.77 -24.97
CA ASP A 196 15.14 4.54 -25.72
C ASP A 196 15.81 3.47 -24.87
N LYS A 197 15.90 2.26 -25.42
CA LYS A 197 16.44 1.11 -24.72
C LYS A 197 17.89 1.31 -24.31
N ASP A 198 18.72 1.84 -25.21
CA ASP A 198 20.11 2.11 -24.90
C ASP A 198 20.29 3.04 -23.71
N VAL A 199 19.58 4.16 -23.67
CA VAL A 199 19.66 5.10 -22.56
C VAL A 199 19.15 4.43 -21.28
N MET A 200 18.08 3.62 -21.42
CA MET A 200 17.53 2.94 -20.26
C MET A 200 18.54 1.96 -19.67
N LEU A 201 19.10 1.11 -20.53
CA LEU A 201 20.09 0.14 -20.08
C LEU A 201 21.30 0.82 -19.46
N ASN A 202 21.74 1.95 -20.03
CA ASN A 202 22.89 2.64 -19.43
C ASN A 202 22.56 3.03 -17.99
N ALA A 203 21.37 3.58 -17.76
CA ALA A 203 20.94 3.95 -16.41
C ALA A 203 20.73 2.75 -15.50
N ALA A 204 20.19 1.64 -16.01
CA ALA A 204 19.98 0.45 -15.17
C ALA A 204 21.30 -0.12 -14.68
N PHE A 205 22.28 -0.17 -15.60
CA PHE A 205 23.59 -0.70 -15.24
C PHE A 205 24.31 0.24 -14.30
N ALA A 206 24.11 1.54 -14.44
CA ALA A 206 24.75 2.51 -13.55
C ALA A 206 24.16 2.39 -12.15
N LEU A 207 22.85 2.15 -12.11
CA LEU A 207 22.15 1.95 -10.83
C LEU A 207 22.67 0.68 -10.18
N ALA A 208 22.81 -0.41 -10.96
CA ALA A 208 23.31 -1.65 -10.43
C ALA A 208 24.74 -1.48 -9.89
N ALA A 209 25.55 -0.69 -10.60
CA ALA A 209 26.92 -0.45 -10.14
C ALA A 209 26.94 0.39 -8.85
N ASP A 210 26.06 1.36 -8.77
CA ASP A 210 25.96 2.15 -7.53
C ASP A 210 25.58 1.26 -6.37
N ILE A 211 24.53 0.44 -6.58
CA ILE A 211 24.10 -0.48 -5.52
C ILE A 211 25.23 -1.42 -5.12
N SER A 212 25.94 -1.95 -6.10
CA SER A 212 27.05 -2.87 -5.86
C SER A 212 28.25 -2.21 -5.17
N SER A 213 28.36 -0.89 -5.19
CA SER A 213 29.44 -0.19 -4.50
C SER A 213 29.20 -0.13 -2.99
N LYS A 214 27.99 -0.36 -2.54
CA LYS A 214 27.61 -0.34 -1.13
C LYS A 214 27.87 -1.67 -0.44
N SER A 215 27.94 -1.68 0.87
CA SER A 215 28.09 -2.91 1.62
C SER A 215 27.04 -3.90 1.14
N PRO A 216 27.44 -5.09 0.73
CA PRO A 216 26.43 -6.10 0.33
C PRO A 216 25.64 -6.60 1.52
N VAL A 217 26.20 -6.62 2.72
CA VAL A 217 25.49 -7.03 3.93
C VAL A 217 24.33 -6.06 4.14
N ALA A 218 24.61 -4.76 4.02
CA ALA A 218 23.60 -3.73 4.25
C ALA A 218 22.53 -3.75 3.17
N VAL A 219 22.94 -3.86 1.90
CA VAL A 219 21.96 -3.86 0.82
C VAL A 219 21.10 -5.12 0.83
N GLN A 220 21.75 -6.28 0.94
CA GLN A 220 20.96 -7.53 0.87
C GLN A 220 20.11 -7.73 2.12
N GLY A 221 20.61 -7.30 3.27
CA GLY A 221 19.81 -7.34 4.51
C GLY A 221 18.63 -6.35 4.37
N SER A 222 18.83 -5.23 3.69
CA SER A 222 17.75 -4.28 3.44
C SER A 222 16.66 -4.94 2.59
N LYS A 223 17.04 -5.60 1.48
CA LYS A 223 16.01 -6.27 0.67
C LYS A 223 15.28 -7.33 1.49
N ILE A 224 16.02 -8.18 2.20
CA ILE A 224 15.39 -9.24 2.99
C ILE A 224 14.38 -8.66 3.96
N ASN A 225 14.77 -7.57 4.65
CA ASN A 225 13.82 -7.03 5.64
C ASN A 225 12.72 -6.18 5.06
N LEU A 226 12.90 -5.55 3.90
CA LEU A 226 11.80 -4.89 3.20
C LEU A 226 10.74 -5.93 2.84
N ILE A 227 11.18 -7.07 2.32
CA ILE A 227 10.21 -8.13 1.96
C ILE A 227 9.54 -8.67 3.21
N TYR A 228 10.26 -8.98 4.26
CA TYR A 228 9.64 -9.47 5.48
C TYR A 228 8.62 -8.44 5.99
N SER A 229 9.01 -7.15 5.97
CA SER A 229 8.14 -6.12 6.52
C SER A 229 6.89 -5.93 5.71
N ARG A 230 6.89 -6.20 4.41
CA ARG A 230 5.67 -6.09 3.60
C ARG A 230 4.61 -7.05 4.12
N ASP A 231 5.04 -8.23 4.54
CA ASP A 231 4.07 -9.29 4.82
C ASP A 231 3.73 -9.52 6.27
N HIS A 232 4.33 -8.73 7.18
CA HIS A 232 4.09 -8.92 8.61
C HIS A 232 3.73 -7.58 9.26
N SER A 233 3.26 -7.59 10.50
CA SER A 233 2.94 -6.31 11.13
C SER A 233 4.26 -5.55 11.36
N VAL A 234 4.08 -4.25 11.64
CA VAL A 234 5.28 -3.44 11.95
C VAL A 234 5.93 -4.02 13.18
N ASP A 235 5.21 -4.34 14.25
CA ASP A 235 5.83 -4.89 15.45
C ASP A 235 6.53 -6.22 15.22
N GLU A 236 5.94 -7.14 14.46
CA GLU A 236 6.62 -8.40 14.15
C GLU A 236 7.88 -8.11 13.34
N SER A 237 7.76 -7.17 12.39
CA SER A 237 8.90 -6.90 11.50
C SER A 237 10.03 -6.24 12.27
N LEU A 238 9.73 -5.38 13.24
CA LEU A 238 10.77 -4.78 14.06
C LEU A 238 11.47 -5.84 14.87
N ASP A 239 10.74 -6.81 15.43
CA ASP A 239 11.30 -7.90 16.22
C ASP A 239 12.24 -8.72 15.33
N TYR A 240 11.77 -9.05 14.12
CA TYR A 240 12.62 -9.78 13.18
C TYR A 240 13.89 -8.99 12.87
N MET A 241 13.74 -7.69 12.61
CA MET A 241 14.89 -6.82 12.30
C MET A 241 15.92 -6.81 13.42
N ALA A 242 15.49 -6.84 14.68
CA ALA A 242 16.46 -6.88 15.77
C ALA A 242 17.20 -8.21 15.81
N THR A 243 16.51 -9.33 15.51
CA THR A 243 17.10 -10.67 15.50
C THR A 243 18.02 -10.80 14.28
N TRP A 244 17.74 -10.10 13.20
CA TRP A 244 18.58 -10.06 12.01
C TRP A 244 19.85 -9.24 12.28
N ASN A 245 19.73 -7.99 12.73
CA ASN A 245 20.91 -7.13 12.88
C ASN A 245 21.72 -7.49 14.10
N MET A 246 21.28 -8.32 15.01
CA MET A 246 22.13 -8.72 16.13
C MET A 246 23.31 -9.54 15.58
N SER A 247 23.20 -10.14 14.40
CA SER A 247 24.39 -10.73 13.78
C SER A 247 24.94 -9.77 12.73
N MET A 248 24.14 -9.13 11.87
CA MET A 248 24.61 -8.42 10.70
C MET A 248 25.30 -7.09 10.99
N LEU A 249 25.13 -6.55 12.18
CA LEU A 249 25.86 -5.36 12.59
C LEU A 249 27.30 -5.76 12.96
N GLN A 250 27.56 -7.05 13.15
CA GLN A 250 28.92 -7.48 13.49
C GLN A 250 29.70 -7.69 12.19
N THR A 251 30.00 -6.60 11.50
CA THR A 251 30.67 -6.65 10.21
C THR A 251 31.69 -5.51 10.13
N GLN A 252 32.76 -5.82 9.39
CA GLN A 252 33.75 -4.83 9.03
C GLN A 252 33.20 -3.81 8.05
N ASP A 253 32.02 -4.03 7.43
CA ASP A 253 31.50 -3.06 6.48
C ASP A 253 31.17 -1.73 7.14
N ILE A 254 30.84 -1.73 8.43
CA ILE A 254 30.54 -0.46 9.12
C ILE A 254 31.81 0.36 9.31
N ILE A 255 32.83 -0.27 9.88
CA ILE A 255 34.13 0.41 10.07
C ILE A 255 34.61 0.99 8.75
N LYS A 256 34.61 0.16 7.70
CA LYS A 256 35.02 0.61 6.37
C LYS A 256 34.19 1.76 5.85
N SER A 257 32.85 1.71 6.00
CA SER A 257 31.99 2.77 5.46
C SER A 257 32.15 4.07 6.23
N VAL A 258 32.27 3.97 7.54
CA VAL A 258 32.45 5.13 8.43
C VAL A 258 33.80 5.78 8.21
N GLN A 259 34.85 4.97 8.12
CA GLN A 259 36.18 5.52 7.84
C GLN A 259 36.15 6.29 6.53
N ALA A 260 35.54 5.75 5.47
CA ALA A 260 35.47 6.43 4.19
C ALA A 260 34.72 7.75 4.30
N ALA A 261 33.62 7.79 5.05
CA ALA A 261 32.87 9.00 5.31
C ALA A 261 33.73 10.06 6.00
N MET A 262 34.52 9.65 6.99
CA MET A 262 35.40 10.56 7.72
C MET A 262 36.45 11.18 6.80
N GLU A 263 36.93 10.43 5.81
CA GLU A 263 37.90 10.92 4.86
C GLU A 263 37.28 11.51 3.61
N LYS A 264 35.95 11.57 3.55
CA LYS A 264 35.22 12.12 2.42
C LYS A 264 35.47 11.33 1.15
N LYS A 265 35.52 10.01 1.27
CA LYS A 265 35.73 9.13 0.12
C LYS A 265 34.41 8.44 -0.21
N ASP A 266 34.20 8.12 -1.49
CA ASP A 266 32.94 7.49 -1.89
C ASP A 266 32.97 5.98 -1.68
N SER A 267 31.78 5.38 -1.72
CA SER A 267 31.61 3.95 -1.55
C SER A 267 32.44 3.13 -2.52
N LYS A 268 32.58 3.55 -3.76
CA LYS A 268 33.36 2.88 -4.77
C LYS A 268 34.85 2.76 -4.45
N SER A 269 35.37 3.55 -3.52
CA SER A 269 36.76 3.51 -3.11
C SER A 269 37.00 2.40 -2.09
N ILE A 270 35.93 1.86 -1.51
CA ILE A 270 36.02 0.80 -0.53
C ILE A 270 35.96 -0.58 -1.16
N THR A 271 36.66 -1.53 -0.57
CA THR A 271 36.57 -2.92 -0.99
C THR A 271 35.85 -3.70 0.11
N PHE A 272 34.59 -4.10 -0.17
CA PHE A 272 33.89 -4.90 0.83
C PHE A 272 34.07 -6.36 0.45
N SER A 273 34.12 -7.24 1.43
CA SER A 273 34.32 -8.66 1.12
C SER A 273 33.09 -9.26 0.43
N LYS A 274 33.30 -10.42 -0.18
CA LYS A 274 32.22 -11.14 -0.86
C LYS A 274 31.15 -11.56 0.15
N LEU A 275 29.98 -11.83 -0.42
CA LEU A 275 28.85 -12.28 0.40
C LEU A 275 28.01 -13.30 -0.38
N ALA B 1 -38.62 -4.22 -4.27
CA ALA B 1 -39.51 -3.29 -3.52
C ALA B 1 -38.79 -2.71 -2.31
N TYR B 2 -37.53 -2.35 -2.55
CA TYR B 2 -36.69 -1.75 -1.52
C TYR B 2 -37.16 -0.34 -1.17
N GLU B 3 -36.98 0.09 0.08
CA GLU B 3 -37.31 1.44 0.51
C GLU B 3 -36.18 2.43 0.26
N SER B 4 -34.91 1.99 0.23
CA SER B 4 -33.82 2.95 0.17
C SER B 4 -32.93 2.86 -1.04
N ILE B 5 -33.06 1.81 -1.84
CA ILE B 5 -32.24 1.61 -3.03
C ILE B 5 -33.15 1.14 -4.18
N GLN B 6 -32.58 1.18 -5.37
CA GLN B 6 -33.28 0.67 -6.56
C GLN B 6 -32.30 -0.14 -7.39
N VAL B 7 -32.66 -1.37 -7.77
CA VAL B 7 -31.78 -2.20 -8.61
C VAL B 7 -32.42 -2.48 -9.97
N THR B 8 -31.71 -2.13 -11.02
CA THR B 8 -32.18 -2.33 -12.39
C THR B 8 -31.16 -3.08 -13.24
N SER B 9 -31.63 -3.66 -14.35
CA SER B 9 -30.73 -4.34 -15.28
C SER B 9 -30.32 -3.29 -16.30
N ALA B 10 -29.04 -2.92 -16.36
CA ALA B 10 -28.67 -1.84 -17.27
C ALA B 10 -28.61 -2.31 -18.71
N GLN B 11 -28.09 -3.50 -18.86
CA GLN B 11 -27.74 -4.12 -20.12
C GLN B 11 -27.21 -5.51 -19.78
N LYS B 12 -26.96 -6.31 -20.80
CA LYS B 12 -26.62 -7.71 -20.54
C LYS B 12 -25.49 -7.86 -19.51
N HIS B 13 -25.79 -8.68 -18.52
CA HIS B 13 -24.87 -9.03 -17.44
C HIS B 13 -24.59 -7.94 -16.42
N VAL B 14 -25.11 -6.73 -16.57
CA VAL B 14 -24.75 -5.62 -15.71
C VAL B 14 -25.94 -5.21 -14.85
N LEU B 15 -25.75 -5.10 -13.56
CA LEU B 15 -26.79 -4.60 -12.67
C LEU B 15 -26.40 -3.20 -12.20
N HIS B 16 -27.37 -2.32 -12.07
CA HIS B 16 -27.21 -0.98 -11.57
C HIS B 16 -27.90 -0.88 -10.20
N VAL B 17 -27.10 -0.63 -9.15
CA VAL B 17 -27.65 -0.45 -7.81
C VAL B 17 -27.58 1.03 -7.48
N GLN B 18 -28.76 1.67 -7.38
CA GLN B 18 -28.79 3.10 -7.12
C GLN B 18 -29.29 3.46 -5.74
N LEU B 19 -28.51 4.27 -5.02
CA LEU B 19 -29.00 4.77 -3.72
C LEU B 19 -30.22 5.63 -4.10
N ASN B 20 -31.33 5.42 -3.44
CA ASN B 20 -32.59 6.00 -3.93
C ASN B 20 -33.45 6.64 -2.88
N ARG B 21 -32.93 7.71 -2.25
CA ARG B 21 -33.74 8.59 -1.40
C ARG B 21 -33.33 10.01 -1.75
N PRO B 22 -33.53 10.42 -3.00
CA PRO B 22 -33.10 11.68 -3.54
C PRO B 22 -33.59 12.92 -2.82
N GLU B 23 -34.78 12.85 -2.25
CA GLU B 23 -35.30 13.97 -1.46
C GLU B 23 -34.54 14.14 -0.16
N LYS B 24 -33.88 13.08 0.33
CA LYS B 24 -33.08 13.16 1.54
C LYS B 24 -31.60 13.00 1.24
N ARG B 25 -31.16 13.34 0.03
CA ARG B 25 -29.80 13.28 -0.45
C ARG B 25 -29.17 11.91 -0.24
N ASN B 26 -29.98 10.86 -0.41
CA ASN B 26 -29.58 9.47 -0.26
C ASN B 26 -28.97 9.20 1.10
N ALA B 27 -29.53 9.81 2.16
CA ALA B 27 -29.05 9.54 3.50
C ALA B 27 -29.30 8.08 3.82
N MET B 28 -28.32 7.49 4.53
CA MET B 28 -28.38 6.07 4.87
C MET B 28 -29.14 5.86 6.16
N ASN B 29 -30.41 5.51 6.03
CA ASN B 29 -31.28 5.26 7.16
C ASN B 29 -31.33 3.80 7.54
N ARG B 30 -32.21 3.44 8.48
CA ARG B 30 -32.22 2.10 9.04
C ARG B 30 -32.39 1.00 7.99
N ALA B 31 -33.35 1.18 7.08
CA ALA B 31 -33.59 0.14 6.08
C ALA B 31 -32.41 -0.04 5.15
N PHE B 32 -31.67 1.04 4.84
CA PHE B 32 -30.51 0.96 3.93
C PHE B 32 -29.52 -0.10 4.41
N TRP B 33 -29.26 -0.18 5.71
CA TRP B 33 -28.23 -1.13 6.18
C TRP B 33 -28.63 -2.56 5.91
N ARG B 34 -29.91 -2.89 6.01
CA ARG B 34 -30.40 -4.23 5.77
C ARG B 34 -30.54 -4.49 4.28
N GLU B 35 -31.03 -3.49 3.55
CA GLU B 35 -31.33 -3.71 2.13
C GLU B 35 -30.08 -3.88 1.30
N LEU B 36 -28.98 -3.17 1.61
CA LEU B 36 -27.81 -3.38 0.76
C LEU B 36 -27.23 -4.77 0.97
N VAL B 37 -27.37 -5.35 2.14
CA VAL B 37 -26.97 -6.72 2.40
C VAL B 37 -27.84 -7.64 1.56
N GLU B 38 -29.16 -7.46 1.63
CA GLU B 38 -30.06 -8.33 0.85
C GLU B 38 -29.71 -8.26 -0.63
N CYS B 39 -29.52 -7.06 -1.14
CA CYS B 39 -29.23 -6.81 -2.53
C CYS B 39 -27.94 -7.49 -3.01
N PHE B 40 -26.82 -7.23 -2.35
CA PHE B 40 -25.56 -7.84 -2.81
C PHE B 40 -25.52 -9.32 -2.56
N GLN B 41 -26.19 -9.85 -1.53
CA GLN B 41 -26.23 -11.30 -1.35
C GLN B 41 -26.92 -11.93 -2.56
N LYS B 42 -27.99 -11.31 -3.07
CA LYS B 42 -28.67 -11.86 -4.25
C LYS B 42 -27.79 -11.71 -5.48
N ILE B 43 -27.12 -10.57 -5.66
CA ILE B 43 -26.22 -10.38 -6.79
C ILE B 43 -25.13 -11.44 -6.77
N SER B 44 -24.57 -11.77 -5.60
CA SER B 44 -23.51 -12.76 -5.50
C SER B 44 -23.94 -14.14 -6.02
N LYS B 45 -25.19 -14.50 -5.84
CA LYS B 45 -25.73 -15.78 -6.30
C LYS B 45 -26.36 -15.71 -7.67
N ASP B 46 -26.41 -14.56 -8.31
CA ASP B 46 -27.02 -14.35 -9.61
C ASP B 46 -26.07 -14.77 -10.72
N SER B 47 -26.36 -15.87 -11.42
CA SER B 47 -25.42 -16.38 -12.41
C SER B 47 -25.37 -15.61 -13.70
N ASP B 48 -26.30 -14.70 -13.94
CA ASP B 48 -26.28 -13.84 -15.12
C ASP B 48 -25.49 -12.56 -14.88
N CYS B 49 -25.31 -12.10 -13.65
CA CYS B 49 -24.61 -10.82 -13.47
C CYS B 49 -23.10 -11.01 -13.46
N ARG B 50 -22.36 -10.18 -14.13
CA ARG B 50 -20.90 -10.26 -14.18
C ARG B 50 -20.24 -8.99 -13.65
N ALA B 51 -21.03 -7.93 -13.48
CA ALA B 51 -20.49 -6.64 -13.03
C ALA B 51 -21.61 -5.76 -12.52
N VAL B 52 -21.28 -4.86 -11.59
CA VAL B 52 -22.27 -4.01 -10.94
C VAL B 52 -21.81 -2.55 -10.96
N VAL B 53 -22.75 -1.63 -11.22
CA VAL B 53 -22.41 -0.20 -11.13
C VAL B 53 -23.24 0.35 -9.97
N VAL B 54 -22.63 1.16 -9.10
CA VAL B 54 -23.35 1.77 -7.99
C VAL B 54 -23.31 3.29 -8.17
N SER B 55 -24.49 3.91 -8.08
CA SER B 55 -24.59 5.36 -8.18
C SER B 55 -25.70 5.86 -7.26
N GLY B 56 -25.83 7.19 -7.22
CA GLY B 56 -26.89 7.77 -6.39
C GLY B 56 -27.89 8.57 -7.23
N ALA B 57 -29.15 8.49 -6.82
CA ALA B 57 -30.19 9.27 -7.52
C ALA B 57 -30.13 10.72 -7.05
N GLY B 58 -30.61 11.67 -7.86
CA GLY B 58 -30.70 13.04 -7.35
C GLY B 58 -29.43 13.85 -7.44
N LYS B 59 -29.31 14.82 -6.54
CA LYS B 59 -28.23 15.81 -6.61
C LYS B 59 -26.86 15.34 -6.15
N MET B 60 -26.80 14.29 -5.34
CA MET B 60 -25.48 13.84 -4.87
C MET B 60 -25.47 12.35 -4.58
N PHE B 61 -24.27 11.78 -4.60
CA PHE B 61 -24.11 10.35 -4.29
C PHE B 61 -24.69 10.06 -2.92
N THR B 62 -24.16 10.68 -1.84
CA THR B 62 -24.80 10.47 -0.54
C THR B 62 -24.34 11.52 0.46
N SER B 63 -25.29 11.97 1.30
CA SER B 63 -24.94 12.90 2.38
C SER B 63 -24.46 12.12 3.60
N GLY B 64 -24.54 10.79 3.54
CA GLY B 64 -24.11 9.93 4.63
C GLY B 64 -25.22 9.48 5.55
N ILE B 65 -24.86 9.18 6.79
CA ILE B 65 -25.84 8.68 7.74
C ILE B 65 -26.90 9.72 8.08
N ASP B 66 -28.08 9.13 8.22
CA ASP B 66 -29.24 9.84 8.71
C ASP B 66 -29.01 10.06 10.20
N LEU B 67 -28.69 11.28 10.62
CA LEU B 67 -28.34 11.63 11.97
C LEU B 67 -29.38 11.35 13.04
N MET B 68 -30.67 11.54 12.74
CA MET B 68 -31.69 11.27 13.75
C MET B 68 -32.00 9.78 13.78
N ASP B 69 -31.79 9.01 12.67
CA ASP B 69 -31.90 7.56 12.78
C ASP B 69 -30.67 7.06 13.58
N MET B 70 -29.53 7.72 13.41
CA MET B 70 -28.32 7.36 14.16
C MET B 70 -28.50 7.63 15.65
N ALA B 71 -29.08 8.80 15.97
CA ALA B 71 -29.35 9.10 17.39
C ALA B 71 -30.23 8.02 18.00
N SER B 72 -31.26 7.61 17.24
CA SER B 72 -32.14 6.55 17.75
C SER B 72 -31.35 5.25 17.97
N ASP B 73 -30.54 4.87 16.98
CA ASP B 73 -29.81 3.61 17.08
C ASP B 73 -28.76 3.57 18.18
N ILE B 74 -27.98 4.64 18.32
CA ILE B 74 -26.88 4.70 19.27
C ILE B 74 -27.14 5.44 20.56
N LEU B 75 -28.00 6.47 20.56
CA LEU B 75 -28.14 7.26 21.78
C LEU B 75 -29.27 6.79 22.67
N GLN B 76 -30.14 5.92 22.15
CA GLN B 76 -31.16 5.30 23.00
C GLN B 76 -31.02 3.79 22.90
N PRO B 77 -29.89 3.22 23.33
CA PRO B 77 -29.71 1.79 23.25
C PRO B 77 -30.34 1.11 24.46
N PRO B 78 -30.79 -0.11 24.26
CA PRO B 78 -31.28 -0.94 25.34
C PRO B 78 -30.09 -1.44 26.17
N GLY B 79 -30.33 -1.90 27.37
CA GLY B 79 -29.28 -2.43 28.23
C GLY B 79 -29.32 -1.77 29.61
N ASP B 80 -29.36 -2.58 30.66
CA ASP B 80 -29.47 -1.96 31.99
C ASP B 80 -28.15 -1.63 32.65
N ASP B 81 -27.03 -1.87 31.95
CA ASP B 81 -25.71 -1.50 32.45
C ASP B 81 -24.81 -1.31 31.23
N VAL B 82 -23.63 -0.72 31.39
CA VAL B 82 -22.77 -0.42 30.25
C VAL B 82 -22.36 -1.65 29.46
N ALA B 83 -22.06 -2.75 30.14
CA ALA B 83 -21.67 -3.97 29.45
C ALA B 83 -22.82 -4.43 28.54
N ARG B 84 -24.06 -4.32 29.01
CA ARG B 84 -25.21 -4.76 28.20
C ARG B 84 -25.50 -3.83 27.06
N ILE B 85 -25.24 -2.52 27.25
CA ILE B 85 -25.35 -1.57 26.14
C ILE B 85 -24.26 -1.91 25.11
N ALA B 86 -23.04 -2.19 25.59
CA ALA B 86 -21.97 -2.55 24.65
C ALA B 86 -22.30 -3.83 23.87
N TRP B 87 -22.92 -4.79 24.52
CA TRP B 87 -23.32 -6.03 23.81
C TRP B 87 -24.20 -5.66 22.63
N TYR B 88 -25.21 -4.81 22.89
CA TYR B 88 -26.12 -4.39 21.82
C TYR B 88 -25.39 -3.63 20.74
N LEU B 89 -24.52 -2.69 21.14
CA LEU B 89 -23.79 -1.89 20.16
C LEU B 89 -22.82 -2.71 19.31
N ARG B 90 -22.16 -3.69 19.90
CA ARG B 90 -21.24 -4.51 19.11
C ARG B 90 -21.98 -5.20 17.96
N ASP B 91 -23.16 -5.69 18.29
CA ASP B 91 -23.99 -6.35 17.27
C ASP B 91 -24.44 -5.36 16.22
N LEU B 92 -24.87 -4.15 16.64
CA LEU B 92 -25.23 -3.14 15.66
C LEU B 92 -24.12 -2.76 14.70
N ILE B 93 -22.92 -2.51 15.28
CA ILE B 93 -21.78 -2.13 14.44
C ILE B 93 -21.43 -3.27 13.46
N SER B 94 -21.43 -4.48 13.98
CA SER B 94 -21.13 -5.66 13.16
C SER B 94 -22.14 -5.77 12.03
N ARG B 95 -23.43 -5.52 12.31
CA ARG B 95 -24.41 -5.62 11.22
C ARG B 95 -24.20 -4.56 10.18
N TYR B 96 -23.92 -3.31 10.62
CA TYR B 96 -23.75 -2.21 9.67
C TYR B 96 -22.47 -2.30 8.86
N GLN B 97 -21.43 -2.97 9.45
CA GLN B 97 -20.23 -3.24 8.63
C GLN B 97 -20.54 -4.21 7.49
N LYS B 98 -21.46 -5.14 7.76
CA LYS B 98 -21.82 -6.11 6.69
C LYS B 98 -22.46 -5.46 5.49
N THR B 99 -23.13 -4.32 5.63
CA THR B 99 -23.68 -3.53 4.54
C THR B 99 -22.67 -3.28 3.45
N PHE B 100 -21.38 -2.99 3.82
CA PHE B 100 -20.36 -2.76 2.83
C PHE B 100 -19.42 -3.96 2.62
N THR B 101 -19.30 -4.81 3.62
CA THR B 101 -18.50 -6.03 3.40
C THR B 101 -19.15 -6.90 2.34
N VAL B 102 -20.49 -6.91 2.21
CA VAL B 102 -21.07 -7.73 1.13
C VAL B 102 -20.64 -7.28 -0.25
N ILE B 103 -20.24 -6.06 -0.48
CA ILE B 103 -19.77 -5.60 -1.78
C ILE B 103 -18.44 -6.29 -2.07
N GLU B 104 -17.54 -6.30 -1.06
CA GLU B 104 -16.23 -6.93 -1.23
C GLU B 104 -16.36 -8.44 -1.40
N LYS B 105 -17.30 -9.07 -0.69
CA LYS B 105 -17.53 -10.52 -0.72
C LYS B 105 -18.29 -10.92 -1.98
N CYS B 106 -18.86 -9.96 -2.69
CA CYS B 106 -19.51 -10.29 -3.99
C CYS B 106 -18.36 -10.49 -4.99
N PRO B 107 -18.33 -11.63 -5.67
CA PRO B 107 -17.24 -11.91 -6.60
C PRO B 107 -17.29 -11.10 -7.87
N LYS B 108 -18.43 -10.49 -8.22
CA LYS B 108 -18.47 -9.63 -9.38
C LYS B 108 -17.84 -8.27 -9.11
N PRO B 109 -17.08 -7.71 -10.01
CA PRO B 109 -16.53 -6.37 -9.88
C PRO B 109 -17.63 -5.35 -9.68
N VAL B 110 -17.41 -4.39 -8.77
CA VAL B 110 -18.39 -3.36 -8.42
C VAL B 110 -17.73 -2.02 -8.65
N ILE B 111 -18.35 -1.20 -9.51
CA ILE B 111 -17.87 0.10 -9.92
C ILE B 111 -18.70 1.20 -9.27
N ALA B 112 -18.05 2.06 -8.50
CA ALA B 112 -18.78 3.17 -7.87
C ALA B 112 -18.67 4.38 -8.80
N ALA B 113 -19.80 5.02 -9.06
CA ALA B 113 -19.79 6.19 -9.98
C ALA B 113 -20.39 7.35 -9.18
N ILE B 114 -19.49 8.20 -8.67
CA ILE B 114 -19.87 9.24 -7.75
C ILE B 114 -19.99 10.61 -8.41
N HIS B 115 -21.11 11.29 -8.14
CA HIS B 115 -21.29 12.70 -8.51
C HIS B 115 -21.66 13.47 -7.25
N GLY B 116 -21.29 14.76 -7.21
CA GLY B 116 -21.57 15.52 -6.00
C GLY B 116 -20.87 14.95 -4.77
N GLY B 117 -21.42 15.29 -3.61
CA GLY B 117 -20.78 14.90 -2.37
C GLY B 117 -20.94 13.40 -2.11
N CYS B 118 -19.90 12.86 -1.47
CA CYS B 118 -19.86 11.46 -1.01
C CYS B 118 -19.31 11.54 0.42
N ILE B 119 -20.22 11.67 1.35
CA ILE B 119 -19.93 11.99 2.73
C ILE B 119 -20.14 10.86 3.72
N GLY B 120 -19.18 10.74 4.66
CA GLY B 120 -19.22 9.79 5.75
C GLY B 120 -19.41 8.36 5.31
N GLY B 121 -20.60 7.78 5.58
CA GLY B 121 -20.94 6.45 5.14
C GLY B 121 -20.68 6.26 3.66
N GLY B 122 -20.72 7.29 2.83
CA GLY B 122 -20.40 7.24 1.42
C GLY B 122 -18.96 6.76 1.19
N VAL B 123 -18.00 7.24 1.97
CA VAL B 123 -16.62 6.82 1.79
C VAL B 123 -16.44 5.39 2.28
N ASP B 124 -17.17 4.96 3.30
CA ASP B 124 -17.13 3.55 3.72
C ASP B 124 -17.66 2.67 2.58
N LEU B 125 -18.70 3.15 1.88
CA LEU B 125 -19.26 2.40 0.75
C LEU B 125 -18.26 2.31 -0.39
N ILE B 126 -17.77 3.44 -0.89
CA ILE B 126 -16.97 3.41 -2.12
C ILE B 126 -15.61 2.72 -1.92
N SER B 127 -15.09 2.76 -0.68
CA SER B 127 -13.83 2.09 -0.37
C SER B 127 -13.99 0.56 -0.33
N ALA B 128 -15.20 0.05 -0.37
CA ALA B 128 -15.49 -1.39 -0.40
C ALA B 128 -15.76 -1.80 -1.87
N CYS B 129 -15.96 -0.85 -2.75
CA CYS B 129 -16.09 -1.12 -4.18
C CYS B 129 -14.72 -1.36 -4.81
N ASP B 130 -14.72 -1.92 -6.02
CA ASP B 130 -13.44 -2.23 -6.68
C ASP B 130 -12.86 -1.10 -7.49
N ILE B 131 -13.70 -0.41 -8.26
CA ILE B 131 -13.26 0.64 -9.17
C ILE B 131 -14.09 1.90 -8.90
N ARG B 132 -13.42 3.05 -8.86
CA ARG B 132 -14.14 4.29 -8.52
C ARG B 132 -13.96 5.34 -9.60
N TYR B 133 -15.09 5.88 -10.07
CA TYR B 133 -15.08 6.96 -11.06
C TYR B 133 -15.80 8.16 -10.43
N CYS B 134 -15.51 9.39 -10.83
CA CYS B 134 -16.33 10.47 -10.25
C CYS B 134 -16.47 11.61 -11.24
N THR B 135 -17.33 12.56 -10.92
CA THR B 135 -17.48 13.75 -11.72
C THR B 135 -16.59 14.89 -11.25
N GLN B 136 -16.47 15.94 -12.07
CA GLN B 136 -15.63 17.09 -11.72
C GLN B 136 -16.15 17.80 -10.47
N ASP B 137 -17.43 17.76 -10.17
CA ASP B 137 -18.02 18.40 -9.00
C ASP B 137 -18.06 17.51 -7.78
N ALA B 138 -17.54 16.28 -7.87
CA ALA B 138 -17.62 15.37 -6.74
C ALA B 138 -16.63 15.74 -5.63
N PHE B 139 -16.96 15.28 -4.43
CA PHE B 139 -16.10 15.50 -3.27
C PHE B 139 -16.32 14.35 -2.30
N PHE B 140 -15.26 14.09 -1.53
CA PHE B 140 -15.25 12.96 -0.60
C PHE B 140 -14.95 13.49 0.79
N GLN B 141 -15.56 12.96 1.82
CA GLN B 141 -15.33 13.45 3.18
C GLN B 141 -15.47 12.37 4.23
N VAL B 142 -14.41 12.14 5.01
CA VAL B 142 -14.45 11.15 6.09
C VAL B 142 -15.00 11.92 7.29
N LYS B 143 -16.31 12.11 7.28
CA LYS B 143 -16.95 13.06 8.19
C LYS B 143 -17.11 12.63 9.62
N GLU B 144 -16.90 11.36 9.95
CA GLU B 144 -17.29 10.79 11.22
C GLU B 144 -16.70 11.53 12.40
N VAL B 145 -15.44 11.98 12.39
CA VAL B 145 -14.95 12.65 13.59
C VAL B 145 -15.76 13.88 13.96
N ASP B 146 -16.39 14.53 12.98
CA ASP B 146 -17.24 15.67 13.27
C ASP B 146 -18.53 15.29 13.98
N VAL B 147 -18.92 14.03 14.07
CA VAL B 147 -20.07 13.55 14.81
C VAL B 147 -19.70 12.94 16.15
N GLY B 148 -18.37 12.88 16.47
CA GLY B 148 -17.96 12.38 17.76
C GLY B 148 -17.52 10.92 17.76
N LEU B 149 -17.38 10.32 16.56
CA LEU B 149 -16.99 8.91 16.55
C LEU B 149 -15.97 8.58 15.45
N ALA B 150 -15.14 7.59 15.75
CA ALA B 150 -14.25 7.06 14.71
C ALA B 150 -15.07 6.21 13.72
N ALA B 151 -14.86 6.47 12.44
CA ALA B 151 -15.62 5.70 11.42
C ALA B 151 -15.54 4.21 11.71
N ASP B 152 -16.66 3.47 11.65
CA ASP B 152 -16.62 2.07 12.04
C ASP B 152 -17.21 1.12 10.99
N VAL B 153 -17.64 1.62 9.83
CA VAL B 153 -18.24 0.69 8.86
C VAL B 153 -17.36 0.43 7.67
N GLY B 154 -16.05 0.70 7.78
CA GLY B 154 -15.16 0.27 6.71
C GLY B 154 -14.09 1.24 6.31
N THR B 155 -14.36 2.55 6.36
CA THR B 155 -13.35 3.50 5.90
C THR B 155 -11.99 3.30 6.53
N LEU B 156 -11.89 3.12 7.85
CA LEU B 156 -10.54 3.03 8.43
C LEU B 156 -9.85 1.75 8.02
N GLN B 157 -10.65 0.70 7.74
CA GLN B 157 -10.06 -0.58 7.36
C GLN B 157 -9.72 -0.66 5.89
N ARG B 158 -10.47 0.03 5.04
CA ARG B 158 -10.25 -0.15 3.60
C ARG B 158 -9.61 1.02 2.91
N LEU B 159 -9.94 2.28 3.32
CA LEU B 159 -9.43 3.46 2.62
C LEU B 159 -7.92 3.49 2.50
N PRO B 160 -7.16 3.24 3.57
CA PRO B 160 -5.70 3.18 3.50
C PRO B 160 -5.19 2.03 2.67
N LYS B 161 -6.08 1.10 2.28
CA LYS B 161 -5.68 -0.02 1.44
C LYS B 161 -6.21 0.16 0.02
N VAL B 162 -6.65 1.35 -0.37
CA VAL B 162 -6.99 1.58 -1.77
C VAL B 162 -6.18 2.70 -2.38
N ILE B 163 -5.43 3.48 -1.56
CA ILE B 163 -4.59 4.54 -2.04
C ILE B 163 -3.24 4.46 -1.29
N GLY B 164 -2.21 5.06 -1.88
CA GLY B 164 -0.88 4.95 -1.28
C GLY B 164 -0.50 5.97 -0.24
N ASN B 165 -1.04 7.17 -0.34
CA ASN B 165 -0.58 8.26 0.53
C ASN B 165 -1.20 8.26 1.91
N ARG B 166 -0.47 7.71 2.88
CA ARG B 166 -1.01 7.57 4.24
C ARG B 166 -1.04 8.93 4.96
N SER B 167 -0.13 9.84 4.59
CA SER B 167 -0.23 11.17 5.24
C SER B 167 -1.57 11.85 4.90
N LEU B 168 -1.96 11.72 3.64
CA LEU B 168 -3.24 12.28 3.20
C LEU B 168 -4.41 11.57 3.84
N VAL B 169 -4.39 10.22 3.90
CA VAL B 169 -5.48 9.50 4.57
C VAL B 169 -5.65 9.94 6.03
N ASN B 170 -4.51 10.11 6.71
CA ASN B 170 -4.57 10.53 8.10
C ASN B 170 -5.10 11.98 8.18
N GLU B 171 -4.65 12.87 7.33
CA GLU B 171 -5.20 14.24 7.40
C GLU B 171 -6.70 14.26 7.17
N LEU B 172 -7.15 13.49 6.16
CA LEU B 172 -8.59 13.46 5.85
C LEU B 172 -9.38 12.95 7.04
N THR B 173 -8.89 11.89 7.69
CA THR B 173 -9.60 11.24 8.78
C THR B 173 -9.66 12.12 10.02
N PHE B 174 -8.52 12.76 10.38
CA PHE B 174 -8.51 13.53 11.61
C PHE B 174 -9.14 14.90 11.47
N THR B 175 -9.18 15.47 10.28
CA THR B 175 -9.79 16.78 10.10
C THR B 175 -11.22 16.74 9.58
N ALA B 176 -11.60 15.64 8.91
CA ALA B 176 -12.90 15.55 8.25
C ALA B 176 -13.04 16.55 7.12
N ARG B 177 -11.95 16.99 6.50
CA ARG B 177 -12.00 17.96 5.44
C ARG B 177 -12.45 17.30 4.14
N LYS B 178 -13.03 18.11 3.28
CA LYS B 178 -13.44 17.64 1.97
C LYS B 178 -12.24 17.52 1.04
N MET B 179 -12.28 16.43 0.26
CA MET B 179 -11.29 16.25 -0.81
C MET B 179 -12.09 16.34 -2.11
N MET B 180 -11.76 17.28 -2.98
CA MET B 180 -12.46 17.47 -4.24
C MET B 180 -11.94 16.55 -5.34
N ALA B 181 -12.58 16.58 -6.51
CA ALA B 181 -12.29 15.63 -7.57
C ALA B 181 -10.84 15.60 -8.05
N ASP B 182 -10.23 16.76 -8.26
CA ASP B 182 -8.87 16.84 -8.76
C ASP B 182 -7.87 16.12 -7.86
N GLU B 183 -8.02 16.37 -6.55
CA GLU B 183 -7.18 15.74 -5.55
C GLU B 183 -7.53 14.26 -5.41
N ALA B 184 -8.81 13.93 -5.57
CA ALA B 184 -9.21 12.52 -5.49
C ALA B 184 -8.59 11.73 -6.64
N LEU B 185 -8.53 12.34 -7.82
CA LEU B 185 -7.85 11.69 -8.95
C LEU B 185 -6.34 11.58 -8.71
N ASP B 186 -5.75 12.67 -8.19
CA ASP B 186 -4.32 12.71 -7.95
C ASP B 186 -3.86 11.65 -6.94
N SER B 187 -4.69 11.43 -5.92
CA SER B 187 -4.42 10.46 -4.87
C SER B 187 -4.63 9.02 -5.33
N GLY B 188 -5.37 8.87 -6.43
CA GLY B 188 -5.70 7.56 -6.95
C GLY B 188 -6.96 7.00 -6.32
N LEU B 189 -7.71 7.75 -5.50
CA LEU B 189 -8.95 7.21 -4.91
C LEU B 189 -9.94 6.88 -6.04
N VAL B 190 -9.96 7.75 -7.05
CA VAL B 190 -10.78 7.55 -8.23
C VAL B 190 -9.81 7.32 -9.40
N SER B 191 -10.24 6.51 -10.34
CA SER B 191 -9.47 6.19 -11.54
C SER B 191 -9.57 7.21 -12.65
N ARG B 192 -10.76 7.77 -12.82
CA ARG B 192 -11.13 8.66 -13.90
C ARG B 192 -12.14 9.68 -13.35
N VAL B 193 -12.04 10.89 -13.89
CA VAL B 193 -12.94 12.00 -13.59
C VAL B 193 -13.62 12.43 -14.90
N PHE B 194 -14.92 12.68 -14.82
CA PHE B 194 -15.71 13.05 -16.00
C PHE B 194 -16.34 14.41 -15.79
N PRO B 195 -16.76 15.09 -16.85
CA PRO B 195 -17.38 16.39 -16.75
C PRO B 195 -18.72 16.43 -16.05
N ASP B 196 -19.58 15.44 -16.28
CA ASP B 196 -20.90 15.41 -15.67
C ASP B 196 -21.37 13.97 -15.45
N LYS B 197 -22.47 13.81 -14.74
CA LYS B 197 -22.94 12.48 -14.35
C LYS B 197 -23.27 11.58 -15.52
N ASP B 198 -23.89 12.12 -16.57
CA ASP B 198 -24.26 11.31 -17.73
C ASP B 198 -23.06 10.70 -18.42
N VAL B 199 -22.02 11.47 -18.69
CA VAL B 199 -20.80 11.00 -19.31
C VAL B 199 -20.12 9.95 -18.41
N MET B 200 -20.14 10.20 -17.10
CA MET B 200 -19.56 9.23 -16.17
C MET B 200 -20.32 7.92 -16.21
N LEU B 201 -21.65 7.94 -16.14
CA LEU B 201 -22.42 6.71 -16.16
C LEU B 201 -22.30 5.99 -17.50
N ASN B 202 -22.20 6.72 -18.61
CA ASN B 202 -21.93 6.02 -19.87
C ASN B 202 -20.63 5.22 -19.81
N ALA B 203 -19.58 5.84 -19.26
CA ALA B 203 -18.28 5.21 -19.18
C ALA B 203 -18.28 4.10 -18.13
N ALA B 204 -19.04 4.26 -17.04
CA ALA B 204 -19.11 3.18 -16.04
C ALA B 204 -19.82 1.95 -16.58
N PHE B 205 -20.90 2.16 -17.35
CA PHE B 205 -21.61 1.04 -17.96
C PHE B 205 -20.82 0.46 -19.12
N ALA B 206 -19.99 1.23 -19.81
CA ALA B 206 -19.13 0.68 -20.85
C ALA B 206 -18.03 -0.19 -20.24
N LEU B 207 -17.50 0.26 -19.11
CA LEU B 207 -16.49 -0.52 -18.38
C LEU B 207 -17.11 -1.82 -17.89
N ALA B 208 -18.31 -1.78 -17.31
CA ALA B 208 -19.02 -2.96 -16.84
C ALA B 208 -19.31 -3.92 -18.00
N ALA B 209 -19.69 -3.38 -19.14
CA ALA B 209 -19.92 -4.26 -20.31
C ALA B 209 -18.64 -4.94 -20.73
N ASP B 210 -17.54 -4.19 -20.79
CA ASP B 210 -16.24 -4.75 -21.18
C ASP B 210 -15.80 -5.86 -20.23
N ILE B 211 -15.91 -5.61 -18.92
CA ILE B 211 -15.61 -6.67 -17.95
C ILE B 211 -16.51 -7.87 -18.14
N SER B 212 -17.80 -7.66 -18.45
CA SER B 212 -18.76 -8.72 -18.65
C SER B 212 -18.51 -9.52 -19.93
N SER B 213 -17.74 -8.96 -20.85
CA SER B 213 -17.42 -9.70 -22.08
C SER B 213 -16.36 -10.74 -21.79
N LYS B 214 -15.60 -10.60 -20.69
CA LYS B 214 -14.54 -11.53 -20.36
C LYS B 214 -15.08 -12.79 -19.68
N SER B 215 -14.23 -13.83 -19.67
CA SER B 215 -14.56 -15.02 -18.89
C SER B 215 -14.95 -14.64 -17.46
N PRO B 216 -16.11 -15.03 -16.99
CA PRO B 216 -16.51 -14.70 -15.61
C PRO B 216 -15.69 -15.49 -14.62
N VAL B 217 -15.27 -16.72 -14.97
CA VAL B 217 -14.40 -17.48 -14.07
C VAL B 217 -13.11 -16.70 -13.84
N ALA B 218 -12.50 -16.18 -14.91
CA ALA B 218 -11.25 -15.43 -14.80
C ALA B 218 -11.44 -14.13 -14.03
N VAL B 219 -12.47 -13.37 -14.38
CA VAL B 219 -12.68 -12.07 -13.71
C VAL B 219 -12.99 -12.24 -12.23
N GLN B 220 -13.96 -13.10 -11.91
CA GLN B 220 -14.36 -13.24 -10.49
C GLN B 220 -13.32 -13.95 -9.68
N GLY B 221 -12.62 -14.94 -10.21
CA GLY B 221 -11.45 -15.52 -9.53
C GLY B 221 -10.38 -14.46 -9.35
N SER B 222 -10.20 -13.50 -10.25
CA SER B 222 -9.19 -12.45 -10.09
C SER B 222 -9.63 -11.57 -8.90
N LYS B 223 -10.90 -11.16 -8.85
CA LYS B 223 -11.31 -10.33 -7.68
C LYS B 223 -11.11 -11.10 -6.39
N ILE B 224 -11.55 -12.34 -6.26
CA ILE B 224 -11.40 -13.13 -5.05
C ILE B 224 -9.93 -13.21 -4.64
N ASN B 225 -9.04 -13.46 -5.61
CA ASN B 225 -7.62 -13.58 -5.22
C ASN B 225 -6.93 -12.26 -5.00
N LEU B 226 -7.37 -11.17 -5.62
CA LEU B 226 -6.79 -9.86 -5.30
C LEU B 226 -7.16 -9.55 -3.84
N ILE B 227 -8.41 -9.84 -3.44
CA ILE B 227 -8.78 -9.57 -2.05
C ILE B 227 -8.01 -10.44 -1.09
N TYR B 228 -7.88 -11.73 -1.38
CA TYR B 228 -7.14 -12.63 -0.51
C TYR B 228 -5.70 -12.13 -0.39
N SER B 229 -5.10 -11.78 -1.51
CA SER B 229 -3.70 -11.35 -1.55
C SER B 229 -3.45 -10.07 -0.78
N ARG B 230 -4.45 -9.20 -0.68
CA ARG B 230 -4.29 -7.97 0.10
C ARG B 230 -4.10 -8.29 1.57
N ASP B 231 -4.77 -9.31 2.06
CA ASP B 231 -4.80 -9.63 3.48
C ASP B 231 -3.84 -10.68 3.98
N HIS B 232 -3.09 -11.35 3.10
CA HIS B 232 -2.20 -12.43 3.47
C HIS B 232 -0.83 -12.17 2.86
N SER B 233 0.17 -12.90 3.34
CA SER B 233 1.52 -12.69 2.78
C SER B 233 1.56 -13.13 1.32
N VAL B 234 2.55 -12.70 0.55
CA VAL B 234 2.65 -13.16 -0.84
C VAL B 234 2.75 -14.67 -0.87
N ASP B 235 3.56 -15.32 -0.07
CA ASP B 235 3.68 -16.79 -0.12
C ASP B 235 2.39 -17.47 0.27
N GLU B 236 1.66 -16.97 1.28
CA GLU B 236 0.38 -17.60 1.62
C GLU B 236 -0.60 -17.43 0.45
N SER B 237 -0.58 -16.27 -0.18
CA SER B 237 -1.46 -15.93 -1.29
C SER B 237 -1.16 -16.72 -2.55
N LEU B 238 0.13 -17.00 -2.80
CA LEU B 238 0.48 -17.88 -3.92
C LEU B 238 0.02 -19.29 -3.65
N ASP B 239 0.11 -19.77 -2.43
CA ASP B 239 -0.34 -21.12 -2.10
C ASP B 239 -1.86 -21.23 -2.29
N TYR B 240 -2.58 -20.20 -1.84
CA TYR B 240 -4.04 -20.18 -2.02
C TYR B 240 -4.36 -20.14 -3.51
N MET B 241 -3.65 -19.37 -4.30
CA MET B 241 -3.89 -19.24 -5.73
C MET B 241 -3.69 -20.60 -6.43
N ALA B 242 -2.70 -21.37 -6.02
CA ALA B 242 -2.50 -22.70 -6.63
C ALA B 242 -3.68 -23.60 -6.31
N THR B 243 -4.18 -23.56 -5.07
CA THR B 243 -5.33 -24.36 -4.66
C THR B 243 -6.60 -23.86 -5.36
N TRP B 244 -6.69 -22.60 -5.70
CA TRP B 244 -7.84 -22.03 -6.41
C TRP B 244 -7.83 -22.44 -7.88
N ASN B 245 -6.74 -22.20 -8.58
CA ASN B 245 -6.67 -22.51 -10.01
C ASN B 245 -6.47 -24.00 -10.29
N MET B 246 -6.23 -24.88 -9.34
CA MET B 246 -6.21 -26.30 -9.70
C MET B 246 -7.62 -26.74 -10.08
N SER B 247 -8.67 -26.07 -9.65
CA SER B 247 -10.05 -26.27 -10.08
C SER B 247 -10.31 -25.39 -11.29
N MET B 248 -10.06 -24.05 -11.20
CA MET B 248 -10.55 -23.07 -12.13
C MET B 248 -9.89 -23.07 -13.49
N LEU B 249 -8.67 -23.63 -13.60
CA LEU B 249 -8.07 -23.79 -14.91
C LEU B 249 -8.76 -24.89 -15.73
N GLN B 250 -9.60 -25.69 -15.07
CA GLN B 250 -10.34 -26.75 -15.80
C GLN B 250 -11.65 -26.16 -16.32
N THR B 251 -11.48 -25.25 -17.28
CA THR B 251 -12.64 -24.58 -17.85
C THR B 251 -12.53 -24.49 -19.36
N GLN B 252 -13.71 -24.51 -20.02
CA GLN B 252 -13.77 -24.28 -21.46
C GLN B 252 -13.41 -22.84 -21.81
N ASP B 253 -13.42 -21.94 -20.78
CA ASP B 253 -13.10 -20.55 -21.08
C ASP B 253 -11.68 -20.42 -21.62
N ILE B 254 -10.74 -21.23 -21.16
CA ILE B 254 -9.37 -21.19 -21.65
C ILE B 254 -9.26 -21.91 -23.00
N ILE B 255 -9.86 -23.08 -23.09
CA ILE B 255 -9.84 -23.83 -24.35
C ILE B 255 -10.38 -22.93 -25.46
N LYS B 256 -11.52 -22.27 -25.24
CA LYS B 256 -12.04 -21.36 -26.24
C LYS B 256 -11.05 -20.26 -26.58
N SER B 257 -10.37 -19.69 -25.58
CA SER B 257 -9.43 -18.60 -25.85
C SER B 257 -8.18 -19.06 -26.58
N VAL B 258 -7.69 -20.26 -26.26
CA VAL B 258 -6.50 -20.75 -26.98
C VAL B 258 -6.93 -21.04 -28.42
N GLN B 259 -8.11 -21.63 -28.62
CA GLN B 259 -8.58 -21.90 -29.98
C GLN B 259 -8.74 -20.63 -30.79
N ALA B 260 -9.27 -19.56 -30.19
CA ALA B 260 -9.37 -18.28 -30.89
C ALA B 260 -7.99 -17.76 -31.29
N ALA B 261 -7.02 -17.90 -30.39
CA ALA B 261 -5.66 -17.46 -30.65
C ALA B 261 -5.04 -18.26 -31.80
N MET B 262 -5.29 -19.57 -31.81
CA MET B 262 -4.78 -20.44 -32.86
C MET B 262 -5.32 -20.07 -34.24
N GLU B 263 -6.60 -19.72 -34.34
CA GLU B 263 -7.21 -19.34 -35.61
C GLU B 263 -7.02 -17.87 -35.94
N LYS B 264 -6.59 -17.07 -34.98
CA LYS B 264 -6.39 -15.64 -35.13
C LYS B 264 -7.74 -14.91 -35.03
N LYS B 265 -8.59 -15.43 -34.16
CA LYS B 265 -9.92 -14.87 -33.92
C LYS B 265 -9.90 -13.96 -32.70
N ASP B 266 -10.49 -12.78 -32.83
CA ASP B 266 -10.58 -11.86 -31.69
C ASP B 266 -11.15 -12.58 -30.47
N SER B 267 -10.63 -12.26 -29.29
CA SER B 267 -11.13 -12.88 -28.06
C SER B 267 -12.46 -12.28 -27.63
N LYS B 268 -12.85 -11.15 -28.20
CA LYS B 268 -14.13 -10.51 -27.98
C LYS B 268 -15.30 -11.21 -28.65
N SER B 269 -15.07 -12.15 -29.57
CA SER B 269 -16.16 -12.85 -30.24
C SER B 269 -16.63 -14.09 -29.48
N ILE B 270 -15.84 -14.55 -28.52
CA ILE B 270 -16.17 -15.72 -27.72
C ILE B 270 -17.33 -15.49 -26.75
N THR B 271 -18.16 -16.50 -26.55
CA THR B 271 -19.24 -16.52 -25.59
C THR B 271 -18.90 -17.50 -24.45
N PHE B 272 -19.08 -17.07 -23.21
CA PHE B 272 -18.83 -17.89 -22.05
C PHE B 272 -20.13 -18.20 -21.31
N SER B 273 -20.17 -19.38 -20.69
CA SER B 273 -21.32 -19.86 -19.95
C SER B 273 -21.49 -19.05 -18.67
N LYS B 274 -22.70 -19.13 -18.13
CA LYS B 274 -23.02 -18.44 -16.87
C LYS B 274 -22.17 -18.95 -15.72
N LEU B 275 -22.17 -18.17 -14.61
CA LEU B 275 -21.42 -18.56 -13.42
C LEU B 275 -22.12 -18.02 -12.17
N ALA C 1 15.63 17.44 32.99
CA ALA C 1 15.36 18.32 31.81
C ALA C 1 15.80 17.66 30.51
N TYR C 2 15.00 17.71 29.42
CA TYR C 2 15.52 17.09 28.19
C TYR C 2 16.71 17.91 27.68
N GLU C 3 17.80 17.20 27.35
CA GLU C 3 18.93 17.95 26.82
C GLU C 3 18.96 17.94 25.31
N SER C 4 18.35 16.92 24.67
CA SER C 4 18.43 16.86 23.21
C SER C 4 17.19 17.30 22.47
N ILE C 5 16.10 17.50 23.22
CA ILE C 5 14.87 17.96 22.57
C ILE C 5 14.26 19.05 23.48
N GLN C 6 13.31 19.81 22.96
CA GLN C 6 12.63 20.82 23.76
C GLN C 6 11.12 20.64 23.51
N VAL C 7 10.33 20.58 24.58
CA VAL C 7 8.89 20.41 24.40
C VAL C 7 8.18 21.67 24.91
N THR C 8 7.36 22.27 24.07
CA THR C 8 6.63 23.47 24.51
C THR C 8 5.13 23.33 24.23
N SER C 9 4.35 24.16 24.92
CA SER C 9 2.90 24.16 24.67
C SER C 9 2.70 25.22 23.61
N ALA C 10 2.34 24.81 22.40
CA ALA C 10 2.23 25.73 21.28
C ALA C 10 0.99 26.61 21.35
N GLN C 11 -0.06 26.02 21.88
CA GLN C 11 -1.42 26.55 21.91
C GLN C 11 -2.29 25.45 22.53
N LYS C 12 -3.54 25.76 22.85
CA LYS C 12 -4.34 24.83 23.62
C LYS C 12 -4.35 23.44 22.96
N HIS C 13 -4.08 22.45 23.78
CA HIS C 13 -4.05 21.04 23.40
C HIS C 13 -2.90 20.65 22.48
N VAL C 14 -2.05 21.55 22.01
CA VAL C 14 -1.00 21.17 21.07
C VAL C 14 0.37 21.23 21.71
N LEU C 15 1.14 20.18 21.55
CA LEU C 15 2.51 20.12 22.09
C LEU C 15 3.46 20.17 20.89
N HIS C 16 4.53 20.92 21.03
CA HIS C 16 5.57 21.04 20.01
C HIS C 16 6.82 20.34 20.53
N VAL C 17 7.21 19.26 19.86
CA VAL C 17 8.42 18.52 20.23
C VAL C 17 9.47 18.93 19.22
N GLN C 18 10.51 19.67 19.69
CA GLN C 18 11.52 20.16 18.77
C GLN C 18 12.89 19.50 18.97
N LEU C 19 13.42 18.90 17.92
CA LEU C 19 14.79 18.34 18.01
C LEU C 19 15.65 19.60 18.29
N ASN C 20 16.46 19.52 19.33
CA ASN C 20 17.18 20.77 19.69
C ASN C 20 18.63 20.61 20.03
N ARG C 21 19.38 20.27 18.99
CA ARG C 21 20.86 20.28 19.06
C ARG C 21 21.34 20.95 17.80
N PRO C 22 20.98 22.21 17.54
CA PRO C 22 21.15 22.81 16.23
C PRO C 22 22.58 22.93 15.77
N GLU C 23 23.51 23.03 16.72
CA GLU C 23 24.91 23.14 16.34
C GLU C 23 25.43 21.86 15.71
N LYS C 24 24.77 20.72 15.97
CA LYS C 24 25.09 19.47 15.32
C LYS C 24 23.98 19.05 14.35
N ARG C 25 23.18 19.99 13.91
CA ARG C 25 22.08 19.75 12.98
C ARG C 25 21.16 18.67 13.53
N ASN C 26 20.89 18.72 14.83
CA ASN C 26 20.03 17.79 15.54
C ASN C 26 20.42 16.34 15.37
N ALA C 27 21.72 16.05 15.36
CA ALA C 27 22.18 14.68 15.31
C ALA C 27 21.68 13.94 16.54
N MET C 28 21.37 12.66 16.29
CA MET C 28 20.79 11.83 17.35
C MET C 28 21.85 11.17 18.20
N ASN C 29 22.26 11.84 19.26
CA ASN C 29 23.19 11.31 20.24
C ASN C 29 22.58 10.21 21.10
N ARG C 30 23.39 9.45 21.80
CA ARG C 30 22.90 8.34 22.60
C ARG C 30 21.70 8.68 23.47
N ALA C 31 21.78 9.78 24.22
CA ALA C 31 20.70 10.12 25.15
C ALA C 31 19.39 10.47 24.45
N PHE C 32 19.42 10.95 23.22
CA PHE C 32 18.20 11.27 22.49
C PHE C 32 17.28 10.05 22.41
N TRP C 33 17.86 8.88 22.22
CA TRP C 33 17.06 7.66 22.08
C TRP C 33 16.24 7.40 23.31
N ARG C 34 16.68 7.73 24.51
CA ARG C 34 15.95 7.59 25.74
C ARG C 34 15.00 8.77 25.90
N GLU C 35 15.46 9.99 25.64
CA GLU C 35 14.66 11.18 25.85
C GLU C 35 13.38 11.18 25.02
N LEU C 36 13.48 10.79 23.74
CA LEU C 36 12.23 10.79 22.95
C LEU C 36 11.25 9.75 23.47
N VAL C 37 11.69 8.62 24.02
CA VAL C 37 10.78 7.65 24.61
C VAL C 37 10.10 8.28 25.82
N GLU C 38 10.87 8.85 26.75
CA GLU C 38 10.31 9.49 27.94
C GLU C 38 9.29 10.53 27.50
N CYS C 39 9.63 11.38 26.56
CA CYS C 39 8.77 12.43 26.05
C CYS C 39 7.44 11.91 25.52
N PHE C 40 7.49 10.98 24.52
CA PHE C 40 6.20 10.51 23.99
C PHE C 40 5.44 9.64 24.96
N GLN C 41 6.04 8.93 25.89
CA GLN C 41 5.27 8.16 26.87
C GLN C 41 4.52 9.12 27.77
N LYS C 42 5.13 10.27 28.10
CA LYS C 42 4.43 11.29 28.87
C LYS C 42 3.27 11.89 28.07
N ILE C 43 3.52 12.20 26.80
CA ILE C 43 2.50 12.79 25.95
C ILE C 43 1.34 11.82 25.82
N SER C 44 1.60 10.51 25.75
CA SER C 44 0.53 9.52 25.60
C SER C 44 -0.45 9.53 26.76
N LYS C 45 0.05 9.79 27.95
CA LYS C 45 -0.75 9.84 29.17
C LYS C 45 -1.27 11.23 29.49
N ASP C 46 -0.92 12.24 28.71
CA ASP C 46 -1.32 13.61 29.02
C ASP C 46 -2.75 13.81 28.51
N SER C 47 -3.69 14.03 29.43
CA SER C 47 -5.08 14.16 29.02
C SER C 47 -5.45 15.48 28.36
N ASP C 48 -4.56 16.45 28.41
CA ASP C 48 -4.80 17.75 27.81
C ASP C 48 -4.30 17.79 26.38
N CYS C 49 -3.32 16.96 25.98
CA CYS C 49 -2.78 17.08 24.63
C CYS C 49 -3.65 16.30 23.62
N ARG C 50 -3.89 16.91 22.48
CA ARG C 50 -4.72 16.22 21.46
C ARG C 50 -3.98 16.07 20.14
N ALA C 51 -2.84 16.76 19.97
CA ALA C 51 -2.07 16.69 18.74
C ALA C 51 -0.63 17.18 19.03
N VAL C 52 0.30 16.63 18.29
CA VAL C 52 1.73 16.92 18.44
C VAL C 52 2.34 17.37 17.13
N VAL C 53 3.22 18.37 17.19
CA VAL C 53 3.97 18.81 16.03
C VAL C 53 5.47 18.55 16.36
N VAL C 54 6.15 17.92 15.43
CA VAL C 54 7.58 17.63 15.57
C VAL C 54 8.35 18.42 14.51
N SER C 55 9.40 19.15 14.95
CA SER C 55 10.22 19.92 14.02
C SER C 55 11.68 19.94 14.57
N GLY C 56 12.56 20.54 13.79
CA GLY C 56 13.95 20.64 14.23
C GLY C 56 14.39 22.12 14.30
N ALA C 57 15.18 22.38 15.34
CA ALA C 57 15.74 23.72 15.53
C ALA C 57 16.83 23.93 14.50
N GLY C 58 17.15 25.19 14.18
CA GLY C 58 18.32 25.44 13.35
C GLY C 58 18.11 25.24 11.86
N LYS C 59 19.16 24.86 11.14
CA LYS C 59 19.17 24.86 9.70
C LYS C 59 18.50 23.66 9.04
N MET C 60 18.29 22.57 9.77
CA MET C 60 17.65 21.41 9.13
C MET C 60 17.00 20.52 10.18
N PHE C 61 16.09 19.66 9.69
CA PHE C 61 15.41 18.74 10.62
C PHE C 61 16.37 17.85 11.37
N THR C 62 17.12 16.99 10.66
CA THR C 62 18.11 16.17 11.35
C THR C 62 19.13 15.59 10.38
N SER C 63 20.39 15.61 10.86
CA SER C 63 21.50 15.01 10.14
C SER C 63 21.57 13.51 10.41
N GLY C 64 20.76 12.99 11.31
CA GLY C 64 20.70 11.59 11.65
C GLY C 64 21.56 11.21 12.83
N ILE C 65 21.98 9.95 12.90
CA ILE C 65 22.71 9.47 14.06
C ILE C 65 24.08 10.12 14.23
N ASP C 66 24.46 10.14 15.51
CA ASP C 66 25.75 10.63 15.96
C ASP C 66 26.71 9.46 15.70
N LEU C 67 27.60 9.63 14.72
CA LEU C 67 28.44 8.53 14.26
C LEU C 67 29.41 7.98 15.28
N MET C 68 29.96 8.82 16.16
CA MET C 68 30.85 8.39 17.23
C MET C 68 30.10 7.62 18.30
N ASP C 69 28.84 8.02 18.58
CA ASP C 69 28.07 7.24 19.56
C ASP C 69 27.70 5.89 18.98
N MET C 70 27.37 5.92 17.69
CA MET C 70 27.08 4.67 16.98
C MET C 70 28.27 3.73 17.07
N ALA C 71 29.47 4.26 16.79
CA ALA C 71 30.68 3.45 16.86
C ALA C 71 30.92 2.87 18.23
N SER C 72 30.71 3.64 19.29
CA SER C 72 30.86 3.14 20.64
C SER C 72 29.81 2.08 20.96
N ASP C 73 28.57 2.32 20.53
CA ASP C 73 27.50 1.38 20.81
C ASP C 73 27.66 0.04 20.10
N ILE C 74 28.02 0.08 18.83
CA ILE C 74 28.03 -1.08 17.96
C ILE C 74 29.39 -1.71 17.75
N LEU C 75 30.44 -0.90 17.63
CA LEU C 75 31.77 -1.40 17.36
C LEU C 75 32.59 -1.66 18.61
N GLN C 76 32.04 -1.38 19.79
CA GLN C 76 32.67 -1.70 21.06
C GLN C 76 31.69 -2.38 22.01
N PRO C 77 31.03 -3.44 21.57
CA PRO C 77 30.04 -4.12 22.40
C PRO C 77 30.68 -5.06 23.38
N PRO C 78 30.06 -5.20 24.54
CA PRO C 78 30.49 -6.16 25.54
C PRO C 78 30.05 -7.56 25.12
N GLY C 79 30.66 -8.60 25.67
CA GLY C 79 30.34 -9.97 25.36
C GLY C 79 31.59 -10.76 24.96
N ASP C 80 31.79 -11.90 25.61
CA ASP C 80 33.04 -12.64 25.34
C ASP C 80 32.98 -13.65 24.21
N ASP C 81 31.85 -13.70 23.50
CA ASP C 81 31.73 -14.50 22.29
C ASP C 81 30.63 -13.85 21.45
N VAL C 82 30.53 -14.24 20.21
CA VAL C 82 29.60 -13.61 19.27
C VAL C 82 28.15 -13.76 19.72
N ALA C 83 27.77 -14.89 20.30
CA ALA C 83 26.39 -15.00 20.77
C ALA C 83 26.08 -13.99 21.88
N ARG C 84 27.03 -13.74 22.78
CA ARG C 84 26.81 -12.80 23.87
C ARG C 84 26.85 -11.37 23.37
N ILE C 85 27.64 -11.10 22.34
CA ILE C 85 27.59 -9.81 21.66
C ILE C 85 26.21 -9.61 21.02
N ALA C 86 25.72 -10.65 20.33
CA ALA C 86 24.40 -10.53 19.69
C ALA C 86 23.31 -10.31 20.75
N TRP C 87 23.44 -10.97 21.89
CA TRP C 87 22.44 -10.78 22.96
C TRP C 87 22.34 -9.32 23.36
N TYR C 88 23.50 -8.66 23.50
CA TYR C 88 23.57 -7.24 23.80
C TYR C 88 23.01 -6.41 22.67
N LEU C 89 23.39 -6.71 21.42
CA LEU C 89 22.96 -5.93 20.28
C LEU C 89 21.44 -6.05 20.09
N ARG C 90 20.91 -7.26 20.31
CA ARG C 90 19.44 -7.36 20.11
C ARG C 90 18.70 -6.41 21.05
N ASP C 91 19.16 -6.33 22.30
CA ASP C 91 18.56 -5.44 23.30
C ASP C 91 18.77 -3.99 22.91
N LEU C 92 19.95 -3.64 22.40
CA LEU C 92 20.19 -2.29 21.95
C LEU C 92 19.28 -1.88 20.80
N ILE C 93 19.21 -2.76 19.78
CA ILE C 93 18.35 -2.45 18.62
C ILE C 93 16.89 -2.30 19.07
N SER C 94 16.46 -3.22 19.93
CA SER C 94 15.07 -3.18 20.39
C SER C 94 14.78 -1.86 21.11
N ARG C 95 15.75 -1.43 21.94
CA ARG C 95 15.58 -0.18 22.69
C ARG C 95 15.53 1.02 21.77
N TYR C 96 16.38 1.12 20.75
CA TYR C 96 16.38 2.22 19.80
C TYR C 96 15.14 2.18 18.91
N GLN C 97 14.57 1.01 18.62
CA GLN C 97 13.33 0.97 17.86
C GLN C 97 12.19 1.66 18.65
N LYS C 98 12.23 1.48 19.97
CA LYS C 98 11.19 2.07 20.83
C LYS C 98 11.15 3.58 20.72
N THR C 99 12.27 4.23 20.40
CA THR C 99 12.34 5.67 20.24
C THR C 99 11.33 6.20 19.22
N PHE C 100 11.12 5.45 18.13
CA PHE C 100 10.13 5.87 17.14
C PHE C 100 8.82 5.09 17.26
N THR C 101 8.83 3.89 17.84
CA THR C 101 7.54 3.19 18.00
C THR C 101 6.64 3.93 18.99
N VAL C 102 7.21 4.61 19.99
CA VAL C 102 6.39 5.40 20.90
C VAL C 102 5.57 6.47 20.19
N ILE C 103 6.01 6.95 19.04
CA ILE C 103 5.28 7.95 18.26
C ILE C 103 4.00 7.31 17.69
N GLU C 104 4.16 6.10 17.15
CA GLU C 104 3.01 5.36 16.62
C GLU C 104 2.07 4.92 17.73
N LYS C 105 2.55 4.49 18.87
CA LYS C 105 1.72 4.05 19.98
C LYS C 105 1.13 5.21 20.78
N CYS C 106 1.54 6.43 20.51
CA CYS C 106 0.88 7.61 21.08
C CYS C 106 -0.45 7.76 20.32
N PRO C 107 -1.56 7.81 21.05
CA PRO C 107 -2.87 7.89 20.40
C PRO C 107 -3.13 9.24 19.77
N LYS C 108 -2.41 10.28 20.19
CA LYS C 108 -2.60 11.58 19.56
C LYS C 108 -1.94 11.60 18.20
N PRO C 109 -2.52 12.23 17.20
CA PRO C 109 -1.90 12.48 15.91
C PRO C 109 -0.61 13.28 16.04
N VAL C 110 0.40 12.82 15.31
CA VAL C 110 1.71 13.48 15.36
C VAL C 110 2.05 13.95 13.96
N ILE C 111 2.33 15.24 13.83
CA ILE C 111 2.62 15.89 12.57
C ILE C 111 4.11 16.25 12.48
N ALA C 112 4.81 15.67 11.52
CA ALA C 112 6.23 16.04 11.32
C ALA C 112 6.27 17.18 10.31
N ALA C 113 7.04 18.23 10.66
CA ALA C 113 7.22 19.41 9.81
C ALA C 113 8.72 19.58 9.55
N ILE C 114 9.09 19.11 8.35
CA ILE C 114 10.49 18.99 7.96
C ILE C 114 10.99 20.12 7.10
N HIS C 115 12.15 20.69 7.44
CA HIS C 115 12.82 21.70 6.65
C HIS C 115 14.27 21.22 6.48
N GLY C 116 14.90 21.56 5.36
CA GLY C 116 16.24 21.09 5.07
C GLY C 116 16.32 19.55 5.09
N GLY C 117 17.50 19.01 5.37
CA GLY C 117 17.70 17.58 5.34
C GLY C 117 17.04 16.81 6.47
N CYS C 118 16.56 15.62 6.10
CA CYS C 118 15.98 14.63 7.01
C CYS C 118 16.66 13.31 6.65
N ILE C 119 17.76 13.06 7.33
CA ILE C 119 18.73 12.04 7.03
C ILE C 119 18.76 10.89 8.01
N GLY C 120 18.76 9.67 7.48
CA GLY C 120 18.99 8.45 8.25
C GLY C 120 17.93 8.22 9.29
N GLY C 121 18.28 8.39 10.57
CA GLY C 121 17.27 8.25 11.62
C GLY C 121 16.14 9.27 11.44
N GLY C 122 16.27 10.36 10.72
CA GLY C 122 15.17 11.28 10.42
C GLY C 122 14.05 10.58 9.65
N VAL C 123 14.42 9.72 8.70
CA VAL C 123 13.35 9.03 7.94
C VAL C 123 12.69 8.01 8.83
N ASP C 124 13.39 7.31 9.71
CA ASP C 124 12.75 6.38 10.65
C ASP C 124 11.79 7.16 11.54
N LEU C 125 12.19 8.37 11.95
CA LEU C 125 11.34 9.18 12.79
C LEU C 125 10.07 9.59 12.03
N ILE C 126 10.20 10.20 10.87
CA ILE C 126 9.02 10.78 10.22
C ILE C 126 8.09 9.69 9.69
N SER C 127 8.64 8.50 9.41
CA SER C 127 7.75 7.43 8.91
C SER C 127 6.93 6.83 10.03
N ALA C 128 7.20 7.12 11.30
CA ALA C 128 6.43 6.74 12.45
C ALA C 128 5.40 7.82 12.84
N CYS C 129 5.54 8.99 12.19
CA CYS C 129 4.55 10.06 12.44
C CYS C 129 3.31 9.82 11.57
N ASP C 130 2.25 10.58 11.83
CA ASP C 130 1.02 10.37 11.03
C ASP C 130 0.95 11.24 9.81
N ILE C 131 1.28 12.52 9.88
CA ILE C 131 1.15 13.46 8.76
C ILE C 131 2.50 14.12 8.56
N ARG C 132 2.91 14.27 7.33
CA ARG C 132 4.25 14.86 7.06
C ARG C 132 4.13 16.03 6.11
N TYR C 133 4.65 17.19 6.56
CA TYR C 133 4.71 18.39 5.74
C TYR C 133 6.21 18.76 5.59
N CYS C 134 6.54 19.42 4.51
CA CYS C 134 7.94 19.85 4.36
C CYS C 134 8.05 21.17 3.62
N THR C 135 9.27 21.70 3.64
CA THR C 135 9.58 22.93 2.92
C THR C 135 10.13 22.60 1.55
N GLN C 136 10.22 23.60 0.68
CA GLN C 136 10.77 23.44 -0.66
C GLN C 136 12.22 23.00 -0.68
N ASP C 137 13.02 23.38 0.31
CA ASP C 137 14.42 22.99 0.35
C ASP C 137 14.64 21.69 1.09
N ALA C 138 13.56 20.98 1.48
CA ALA C 138 13.78 19.77 2.27
C ALA C 138 14.22 18.59 1.41
N PHE C 139 14.85 17.63 2.08
CA PHE C 139 15.22 16.40 1.36
C PHE C 139 15.27 15.27 2.37
N PHE C 140 15.10 14.06 1.81
CA PHE C 140 14.97 12.86 2.63
C PHE C 140 16.00 11.84 2.18
N GLN C 141 16.58 11.07 3.08
CA GLN C 141 17.63 10.16 2.64
C GLN C 141 17.72 8.94 3.52
N VAL C 142 17.50 7.74 2.94
CA VAL C 142 17.61 6.51 3.72
C VAL C 142 19.09 6.15 3.68
N LYS C 143 19.86 6.86 4.49
CA LYS C 143 21.30 6.86 4.44
C LYS C 143 22.00 5.61 4.91
N GLU C 144 21.33 4.73 5.62
CA GLU C 144 21.96 3.64 6.33
C GLU C 144 22.88 2.77 5.50
N VAL C 145 22.61 2.41 4.24
CA VAL C 145 23.53 1.54 3.53
C VAL C 145 24.91 2.17 3.38
N ASP C 146 24.98 3.50 3.34
CA ASP C 146 26.25 4.21 3.27
C ASP C 146 27.03 4.10 4.56
N VAL C 147 26.43 3.66 5.65
CA VAL C 147 27.08 3.47 6.93
C VAL C 147 27.42 2.00 7.13
N GLY C 148 26.98 1.13 6.19
CA GLY C 148 27.32 -0.29 6.33
C GLY C 148 26.28 -1.16 7.01
N LEU C 149 25.07 -0.62 7.19
CA LEU C 149 24.02 -1.39 7.82
C LEU C 149 22.66 -1.19 7.14
N ALA C 150 21.78 -2.17 7.38
CA ALA C 150 20.41 -2.07 6.91
C ALA C 150 19.69 -1.26 8.01
N ALA C 151 18.94 -0.24 7.60
CA ALA C 151 18.21 0.54 8.62
C ALA C 151 17.43 -0.34 9.57
N ASP C 152 17.51 -0.12 10.89
CA ASP C 152 16.85 -1.03 11.81
C ASP C 152 15.91 -0.35 12.80
N VAL C 153 15.70 0.95 12.68
CA VAL C 153 14.84 1.57 13.71
C VAL C 153 13.50 2.04 13.18
N GLY C 154 13.11 1.54 12.02
CA GLY C 154 11.74 1.67 11.55
C GLY C 154 11.53 1.98 10.10
N THR C 155 12.49 2.58 9.41
CA THR C 155 12.30 2.94 8.02
C THR C 155 11.89 1.73 7.16
N LEU C 156 12.57 0.61 7.31
CA LEU C 156 12.19 -0.47 6.37
C LEU C 156 10.82 -1.05 6.71
N GLN C 157 10.41 -0.94 7.98
CA GLN C 157 9.14 -1.47 8.43
C GLN C 157 7.97 -0.55 8.10
N ARG C 158 8.19 0.77 8.14
CA ARG C 158 7.12 1.73 7.96
C ARG C 158 7.14 2.54 6.69
N LEU C 159 8.27 2.88 6.10
CA LEU C 159 8.29 3.69 4.90
C LEU C 159 7.49 3.08 3.76
N PRO C 160 7.62 1.79 3.48
CA PRO C 160 6.84 1.13 2.45
C PRO C 160 5.35 1.08 2.75
N LYS C 161 4.96 1.40 3.99
CA LYS C 161 3.56 1.41 4.37
C LYS C 161 3.09 2.85 4.58
N VAL C 162 3.79 3.84 4.06
CA VAL C 162 3.26 5.20 4.09
C VAL C 162 3.17 5.77 2.69
N ILE C 163 3.77 5.12 1.68
CA ILE C 163 3.66 5.53 0.31
C ILE C 163 3.44 4.28 -0.58
N GLY C 164 3.00 4.53 -1.80
CA GLY C 164 2.66 3.43 -2.69
C GLY C 164 3.74 2.89 -3.59
N ASN C 165 4.65 3.73 -4.02
CA ASN C 165 5.64 3.34 -5.04
C ASN C 165 6.78 2.51 -4.47
N ARG C 166 6.67 1.18 -4.57
CA ARG C 166 7.72 0.33 -4.01
C ARG C 166 9.01 0.37 -4.83
N SER C 167 8.96 0.62 -6.14
CA SER C 167 10.22 0.74 -6.89
C SER C 167 11.06 1.91 -6.35
N LEU C 168 10.41 3.05 -6.10
CA LEU C 168 11.09 4.20 -5.52
C LEU C 168 11.64 3.88 -4.14
N VAL C 169 10.87 3.22 -3.27
CA VAL C 169 11.32 2.86 -1.93
C VAL C 169 12.59 2.02 -2.02
N ASN C 170 12.60 1.03 -2.92
CA ASN C 170 13.75 0.18 -3.09
C ASN C 170 14.95 0.96 -3.61
N GLU C 171 14.73 1.84 -4.59
CA GLU C 171 15.86 2.62 -5.06
C GLU C 171 16.41 3.51 -3.96
N LEU C 172 15.54 4.17 -3.20
CA LEU C 172 16.05 5.02 -2.12
C LEU C 172 16.86 4.23 -1.12
N THR C 173 16.38 3.05 -0.71
CA THR C 173 17.01 2.22 0.27
C THR C 173 18.35 1.67 -0.20
N PHE C 174 18.38 1.13 -1.43
CA PHE C 174 19.62 0.49 -1.87
C PHE C 174 20.73 1.45 -2.29
N THR C 175 20.37 2.66 -2.66
CA THR C 175 21.38 3.63 -3.10
C THR C 175 21.67 4.69 -2.04
N ALA C 176 20.79 4.87 -1.08
CA ALA C 176 20.92 5.99 -0.13
C ALA C 176 20.90 7.35 -0.80
N ARG C 177 20.28 7.53 -1.95
CA ARG C 177 20.26 8.81 -2.63
C ARG C 177 19.23 9.73 -1.97
N LYS C 178 19.46 11.03 -2.16
CA LYS C 178 18.54 12.02 -1.61
C LYS C 178 17.29 12.14 -2.47
N MET C 179 16.18 12.39 -1.80
CA MET C 179 14.92 12.66 -2.50
C MET C 179 14.52 14.08 -2.09
N MET C 180 14.40 14.97 -3.06
CA MET C 180 14.12 16.36 -2.76
C MET C 180 12.61 16.57 -2.60
N ALA C 181 12.17 17.77 -2.24
CA ALA C 181 10.79 18.01 -1.87
C ALA C 181 9.77 17.73 -2.95
N ASP C 182 10.07 18.14 -4.18
CA ASP C 182 9.18 17.96 -5.32
C ASP C 182 8.85 16.48 -5.50
N GLU C 183 9.88 15.65 -5.46
CA GLU C 183 9.69 14.21 -5.58
C GLU C 183 9.05 13.63 -4.33
N ALA C 184 9.37 14.13 -3.15
CA ALA C 184 8.75 13.68 -1.91
C ALA C 184 7.24 13.92 -1.95
N LEU C 185 6.82 15.07 -2.46
CA LEU C 185 5.38 15.36 -2.58
C LEU C 185 4.73 14.45 -3.61
N ASP C 186 5.39 14.31 -4.78
CA ASP C 186 4.88 13.43 -5.82
C ASP C 186 4.68 12.01 -5.34
N SER C 187 5.60 11.53 -4.52
CA SER C 187 5.56 10.19 -3.96
C SER C 187 4.44 10.02 -2.93
N GLY C 188 4.07 11.15 -2.31
CA GLY C 188 3.10 11.11 -1.24
C GLY C 188 3.75 10.99 0.11
N LEU C 189 5.09 10.99 0.20
CA LEU C 189 5.72 10.87 1.54
C LEU C 189 5.32 12.10 2.37
N VAL C 190 5.34 13.26 1.71
CA VAL C 190 4.79 14.45 2.37
C VAL C 190 3.45 14.77 1.70
N SER C 191 2.51 15.37 2.42
CA SER C 191 1.23 15.63 1.72
C SER C 191 1.12 17.11 1.38
N ARG C 192 2.01 17.97 1.85
CA ARG C 192 2.03 19.38 1.50
C ARG C 192 3.47 19.92 1.56
N VAL C 193 3.81 20.83 0.65
CA VAL C 193 5.11 21.50 0.60
C VAL C 193 4.88 23.01 0.73
N PHE C 194 5.69 23.67 1.53
CA PHE C 194 5.60 25.11 1.80
C PHE C 194 6.89 25.79 1.38
N PRO C 195 6.83 27.08 1.04
CA PRO C 195 8.00 27.82 0.57
C PRO C 195 9.09 27.96 1.60
N ASP C 196 8.74 28.09 2.88
CA ASP C 196 9.74 28.24 3.93
C ASP C 196 9.23 27.68 5.26
N LYS C 197 10.10 27.57 6.24
CA LYS C 197 9.82 26.98 7.53
C LYS C 197 8.72 27.68 8.30
N ASP C 198 8.73 29.03 8.31
CA ASP C 198 7.70 29.74 9.07
C ASP C 198 6.31 29.44 8.52
N VAL C 199 6.15 29.47 7.21
CA VAL C 199 4.85 29.19 6.59
C VAL C 199 4.44 27.74 6.87
N MET C 200 5.38 26.80 6.74
CA MET C 200 5.08 25.41 7.10
C MET C 200 4.66 25.26 8.55
N LEU C 201 5.38 25.86 9.50
CA LEU C 201 5.01 25.72 10.91
C LEU C 201 3.65 26.32 11.17
N ASN C 202 3.34 27.48 10.59
CA ASN C 202 2.01 28.05 10.74
C ASN C 202 0.94 27.05 10.32
N ALA C 203 1.16 26.41 9.17
CA ALA C 203 0.20 25.42 8.67
C ALA C 203 0.18 24.18 9.56
N ALA C 204 1.33 23.72 10.03
CA ALA C 204 1.34 22.55 10.93
C ALA C 204 0.56 22.81 12.21
N PHE C 205 0.78 23.99 12.82
CA PHE C 205 0.08 24.30 14.04
C PHE C 205 -1.42 24.56 13.78
N ALA C 206 -1.78 25.11 12.63
CA ALA C 206 -3.19 25.32 12.31
C ALA C 206 -3.88 23.96 12.13
N LEU C 207 -3.16 23.04 11.48
CA LEU C 207 -3.68 21.65 11.38
C LEU C 207 -3.83 21.01 12.73
N ALA C 208 -2.82 21.13 13.62
CA ALA C 208 -2.92 20.55 14.95
C ALA C 208 -4.09 21.19 15.73
N ALA C 209 -4.28 22.50 15.57
CA ALA C 209 -5.40 23.13 16.28
C ALA C 209 -6.74 22.62 15.74
N ASP C 210 -6.87 22.45 14.43
CA ASP C 210 -8.11 21.93 13.85
C ASP C 210 -8.38 20.52 14.34
N ILE C 211 -7.34 19.66 14.34
CA ILE C 211 -7.53 18.32 14.93
C ILE C 211 -7.96 18.38 16.37
N SER C 212 -7.35 19.25 17.19
CA SER C 212 -7.67 19.40 18.60
C SER C 212 -9.07 19.94 18.89
N SER C 213 -9.69 20.55 17.91
CA SER C 213 -11.05 21.07 18.03
C SER C 213 -12.07 19.93 17.99
N LYS C 214 -11.69 18.79 17.41
CA LYS C 214 -12.56 17.65 17.30
C LYS C 214 -12.59 16.77 18.53
N SER C 215 -13.62 15.91 18.61
CA SER C 215 -13.69 14.98 19.73
C SER C 215 -12.35 14.23 19.79
N PRO C 216 -11.72 14.19 20.95
CA PRO C 216 -10.46 13.43 21.11
C PRO C 216 -10.72 11.94 21.11
N VAL C 217 -11.90 11.49 21.54
CA VAL C 217 -12.28 10.07 21.50
C VAL C 217 -12.34 9.64 20.05
N ALA C 218 -12.94 10.46 19.18
CA ALA C 218 -13.07 10.08 17.78
C ALA C 218 -11.73 10.13 17.06
N VAL C 219 -10.94 11.19 17.31
CA VAL C 219 -9.65 11.36 16.64
C VAL C 219 -8.67 10.27 17.05
N GLN C 220 -8.51 10.06 18.38
CA GLN C 220 -7.52 9.11 18.88
C GLN C 220 -7.97 7.68 18.62
N GLY C 221 -9.25 7.38 18.68
CA GLY C 221 -9.76 6.05 18.30
C GLY C 221 -9.52 5.86 16.81
N SER C 222 -9.64 6.89 15.97
CA SER C 222 -9.35 6.77 14.53
C SER C 222 -7.88 6.37 14.32
N LYS C 223 -6.95 7.05 15.02
CA LYS C 223 -5.55 6.71 14.85
C LYS C 223 -5.29 5.27 15.24
N ILE C 224 -5.82 4.87 16.40
CA ILE C 224 -5.60 3.53 16.92
C ILE C 224 -6.08 2.49 15.90
N ASN C 225 -7.29 2.69 15.37
CA ASN C 225 -7.82 1.72 14.41
C ASN C 225 -7.22 1.83 13.03
N LEU C 226 -6.71 2.96 12.59
CA LEU C 226 -5.97 3.05 11.33
C LEU C 226 -4.70 2.18 11.46
N ILE C 227 -4.05 2.29 12.61
CA ILE C 227 -2.81 1.50 12.80
C ILE C 227 -3.13 0.03 12.89
N TYR C 228 -4.15 -0.36 13.66
CA TYR C 228 -4.54 -1.78 13.74
C TYR C 228 -4.87 -2.30 12.35
N SER C 229 -5.63 -1.51 11.60
CA SER C 229 -6.09 -1.89 10.26
C SER C 229 -4.95 -2.05 9.29
N ARG C 230 -3.83 -1.31 9.40
CA ARG C 230 -2.69 -1.50 8.51
C ARG C 230 -2.14 -2.92 8.66
N ASP C 231 -2.13 -3.46 9.85
CA ASP C 231 -1.35 -4.67 10.13
C ASP C 231 -2.17 -5.93 10.21
N HIS C 232 -3.49 -5.84 10.02
CA HIS C 232 -4.37 -7.01 10.12
C HIS C 232 -5.27 -7.04 8.90
N SER C 233 -5.96 -8.19 8.70
CA SER C 233 -6.83 -8.25 7.52
C SER C 233 -8.00 -7.28 7.70
N VAL C 234 -8.71 -6.99 6.62
CA VAL C 234 -9.90 -6.14 6.75
C VAL C 234 -10.91 -6.79 7.67
N ASP C 235 -11.20 -8.08 7.55
CA ASP C 235 -12.17 -8.72 8.44
C ASP C 235 -11.71 -8.68 9.89
N GLU C 236 -10.44 -8.96 10.18
CA GLU C 236 -9.96 -8.92 11.56
C GLU C 236 -10.11 -7.50 12.11
N SER C 237 -9.76 -6.53 11.28
CA SER C 237 -9.82 -5.12 11.67
C SER C 237 -11.24 -4.62 11.86
N LEU C 238 -12.19 -5.10 11.08
CA LEU C 238 -13.59 -4.71 11.33
C LEU C 238 -14.05 -5.31 12.62
N ASP C 239 -13.65 -6.54 12.94
CA ASP C 239 -14.01 -7.18 14.21
C ASP C 239 -13.43 -6.39 15.38
N TYR C 240 -12.16 -5.99 15.28
CA TYR C 240 -11.60 -5.13 16.32
C TYR C 240 -12.34 -3.81 16.45
N MET C 241 -12.74 -3.22 15.32
CA MET C 241 -13.44 -1.93 15.35
C MET C 241 -14.79 -2.03 16.03
N ALA C 242 -15.47 -3.16 15.87
CA ALA C 242 -16.75 -3.31 16.55
C ALA C 242 -16.50 -3.43 18.05
N THR C 243 -15.49 -4.18 18.48
CA THR C 243 -15.13 -4.34 19.87
C THR C 243 -14.62 -3.01 20.46
N TRP C 244 -14.01 -2.17 19.64
CA TRP C 244 -13.54 -0.87 20.11
C TRP C 244 -14.73 0.09 20.31
N ASN C 245 -15.55 0.24 19.26
CA ASN C 245 -16.63 1.21 19.37
C ASN C 245 -17.84 0.78 20.18
N MET C 246 -17.90 -0.47 20.65
CA MET C 246 -18.98 -0.85 21.55
C MET C 246 -18.81 -0.08 22.88
N SER C 247 -17.61 0.39 23.22
CA SER C 247 -17.52 1.28 24.39
C SER C 247 -17.42 2.71 23.86
N MET C 248 -16.65 3.02 22.83
CA MET C 248 -16.35 4.41 22.47
C MET C 248 -17.53 5.18 21.91
N LEU C 249 -18.54 4.50 21.37
CA LEU C 249 -19.75 5.21 20.95
C LEU C 249 -20.51 5.64 22.19
N GLN C 250 -20.26 5.15 23.39
CA GLN C 250 -21.00 5.59 24.58
C GLN C 250 -20.29 6.81 25.17
N THR C 251 -20.33 7.88 24.40
CA THR C 251 -19.64 9.11 24.80
C THR C 251 -20.56 10.30 24.67
N GLN C 252 -20.31 11.25 25.61
CA GLN C 252 -20.99 12.54 25.46
C GLN C 252 -20.49 13.29 24.24
N ASP C 253 -19.36 12.96 23.61
CA ASP C 253 -18.92 13.69 22.43
C ASP C 253 -19.94 13.57 21.29
N ILE C 254 -20.62 12.43 21.16
CA ILE C 254 -21.65 12.26 20.14
C ILE C 254 -22.92 12.98 20.61
N ILE C 255 -23.31 12.83 21.86
CA ILE C 255 -24.48 13.58 22.36
C ILE C 255 -24.32 15.06 22.06
N LYS C 256 -23.17 15.65 22.40
CA LYS C 256 -22.92 17.07 22.13
C LYS C 256 -22.97 17.40 20.66
N SER C 257 -22.46 16.53 19.78
CA SER C 257 -22.48 16.79 18.35
C SER C 257 -23.91 16.77 17.81
N VAL C 258 -24.70 15.83 18.30
CA VAL C 258 -26.10 15.77 17.87
C VAL C 258 -26.86 16.97 18.42
N GLN C 259 -26.62 17.36 19.65
CA GLN C 259 -27.28 18.58 20.18
C GLN C 259 -26.91 19.80 19.37
N ALA C 260 -25.63 19.97 19.03
CA ALA C 260 -25.23 21.07 18.17
C ALA C 260 -25.97 21.07 16.85
N ALA C 261 -26.04 19.91 16.18
CA ALA C 261 -26.72 19.83 14.88
C ALA C 261 -28.18 20.23 15.03
N MET C 262 -28.87 19.77 16.07
CA MET C 262 -30.27 20.12 16.27
C MET C 262 -30.46 21.61 16.52
N GLU C 263 -29.54 22.22 17.25
CA GLU C 263 -29.56 23.65 17.54
C GLU C 263 -29.01 24.49 16.41
N LYS C 264 -28.47 23.89 15.36
CA LYS C 264 -27.87 24.56 14.22
C LYS C 264 -26.63 25.35 14.64
N LYS C 265 -25.85 24.76 15.55
CA LYS C 265 -24.61 25.35 16.03
C LYS C 265 -23.46 24.60 15.39
N ASP C 266 -22.44 25.32 14.93
CA ASP C 266 -21.32 24.64 14.26
C ASP C 266 -20.65 23.73 15.27
N SER C 267 -20.12 22.59 14.85
CA SER C 267 -19.46 21.67 15.76
C SER C 267 -18.16 22.20 16.34
N LYS C 268 -17.54 23.23 15.74
CA LYS C 268 -16.31 23.78 16.28
C LYS C 268 -16.54 24.56 17.57
N SER C 269 -17.78 24.88 17.93
CA SER C 269 -18.09 25.58 19.16
C SER C 269 -18.36 24.66 20.34
N ILE C 270 -18.30 23.35 20.14
CA ILE C 270 -18.48 22.41 21.24
C ILE C 270 -17.20 22.30 22.06
N THR C 271 -17.33 22.08 23.35
CA THR C 271 -16.17 21.81 24.22
C THR C 271 -16.22 20.33 24.58
N PHE C 272 -15.14 19.59 24.24
CA PHE C 272 -15.09 18.20 24.68
C PHE C 272 -14.20 18.02 25.91
N SER C 273 -14.54 17.03 26.71
CA SER C 273 -13.78 16.74 27.91
C SER C 273 -12.40 16.17 27.58
N LYS C 274 -11.52 16.26 28.57
CA LYS C 274 -10.16 15.70 28.46
C LYS C 274 -10.21 14.20 28.20
N LEU C 275 -9.10 13.69 27.68
CA LEU C 275 -8.94 12.27 27.40
C LEU C 275 -7.50 11.84 27.70
S SO4 D . 0.51 6.45 -5.04
O1 SO4 D . -0.54 6.33 -6.09
O2 SO4 D . 0.51 5.22 -4.19
O3 SO4 D . 0.23 7.61 -4.11
O4 SO4 D . 1.87 6.55 -5.66
S SO4 E . 10.71 -29.08 -22.75
O1 SO4 E . 9.60 -28.74 -23.71
O2 SO4 E . 10.21 -29.30 -21.36
O3 SO4 E . 11.70 -27.96 -22.86
O4 SO4 E . 11.40 -30.34 -23.22
S SO4 F . -4.79 -6.78 -27.51
O1 SO4 F . -5.84 -7.65 -28.14
O2 SO4 F . -4.29 -7.48 -26.27
O3 SO4 F . -5.41 -5.46 -27.13
O4 SO4 F . -3.65 -6.56 -28.45
MG MG G . 8.95 -25.95 -27.45
MG MG H . 0.94 11.36 -8.79
C1 EDO I . 0.16 -22.07 -14.60
O1 EDO I . 0.62 -20.71 -14.61
C2 EDO I . -1.30 -22.15 -14.90
O2 EDO I . -1.86 -21.00 -15.43
C1 EDO J . -9.51 -6.13 -4.68
O1 EDO J . -8.45 -5.40 -5.34
C2 EDO J . -10.42 -5.25 -3.89
O2 EDO J . -11.10 -4.29 -4.69
S SO4 K . -31.85 21.91 -4.92
O1 SO4 K . -32.83 20.97 -5.57
O2 SO4 K . -31.64 21.50 -3.49
O3 SO4 K . -32.39 23.31 -4.97
O4 SO4 K . -30.54 21.86 -5.66
S SO4 L . -18.87 20.72 6.62
O1 SO4 L . -20.06 21.19 5.85
O2 SO4 L . -18.86 19.22 6.66
O3 SO4 L . -18.95 21.25 8.02
O4 SO4 L . -17.63 21.22 5.95
S SO4 M . -38.42 1.37 11.47
O1 SO4 M . -38.97 1.84 10.19
O2 SO4 M . -39.35 0.42 12.11
O3 SO4 M . -38.22 2.54 12.36
O4 SO4 M . -37.13 0.69 11.24
C1 EDO N . -22.65 2.63 14.64
O1 EDO N . -21.64 3.67 14.70
C2 EDO N . -22.32 1.70 13.49
O2 EDO N . -22.01 2.41 12.31
C1 EDO O . -0.53 5.47 11.10
O1 EDO O . -0.11 6.82 10.76
C2 EDO O . -1.86 5.04 10.63
O2 EDO O . -2.46 5.81 9.62
S SO4 P . -21.29 21.93 24.34
O1 SO4 P . -21.53 22.36 22.92
O2 SO4 P . -22.04 20.65 24.57
O3 SO4 P . -21.81 23.00 25.27
O4 SO4 P . -19.82 21.77 24.62
S SO4 Q . 25.82 12.30 0.64
O1 SO4 Q . 25.06 12.34 -0.66
O2 SO4 Q . 25.01 11.62 1.68
O3 SO4 Q . 26.13 13.72 1.04
O4 SO4 Q . 27.10 11.54 0.43
MG MG R . 22.64 21.81 23.34
MG MG S . -25.91 22.52 24.65
C1 EDO T . 20.25 0.09 16.41
O1 EDO T . 19.97 1.35 15.78
C2 EDO T . 21.68 -0.32 16.08
O2 EDO T . 21.93 -0.17 14.69
C1 EDO U . 11.19 -5.25 -1.39
O1 EDO U . 10.63 -3.92 -1.26
C2 EDO U . 10.55 -6.01 -2.52
O2 EDO U . 10.95 -5.52 -3.79
C1 EDO V . 23.11 -7.63 27.25
O1 EDO V . 23.23 -9.04 27.56
C2 EDO V . 21.73 -7.12 27.55
O2 EDO V . 20.77 -8.15 27.67
#